data_2PZB
#
_entry.id   2PZB
#
_cell.length_a   84.419
_cell.length_b   84.553
_cell.length_c   245.385
_cell.angle_alpha   90.00
_cell.angle_beta   90.00
_cell.angle_gamma   90.00
#
_symmetry.space_group_name_H-M   'P 21 21 21'
#
loop_
_entity.id
_entity.type
_entity.pdbx_description
1 polymer 'NH(3)-dependent NAD(+) synthetase'
2 non-polymer 'SULFATE ION'
3 water water
#
_entity_poly.entity_id   1
_entity_poly.type   'polypeptide(L)'
_entity_poly.pdbx_seq_one_letter_code
;MTLQEQIMKALHVQPVIDPKAEIRKRVDFLKDYVKKTGAKGFVLGISGGQDSTLAGRLAQLAVEEIRNEGGNATFIAVRL
PYKVQKDEDDAQLALQFIQADQSVAFDIASTVDAFSNQYENLLDESLTDFNKGNVKARIRMVTQYAIGGQKGLLVIGTDH
AAEAVTGFFTKFGDGGADLLPLTGLTKRQGRALLQELGADERLYLKMPTADLLDEKPGQADETELGITYDQLDDYLEGKT
VPADVAEKIEKRYTVSEHKRQVPASMFDDWWKLAAALEHHHHHH
;
_entity_poly.pdbx_strand_id   A,B,C,D
#
loop_
_chem_comp.id
_chem_comp.type
_chem_comp.name
_chem_comp.formula
SO4 non-polymer 'SULFATE ION' 'O4 S -2'
#
# COMPACT_ATOMS: atom_id res chain seq x y z
N MET A 1 -3.87 -20.79 -10.15
CA MET A 1 -3.14 -20.02 -9.10
C MET A 1 -2.54 -20.94 -8.05
N THR A 2 -1.38 -20.58 -7.52
CA THR A 2 -0.75 -21.37 -6.49
C THR A 2 -1.62 -21.11 -5.26
N LEU A 3 -1.61 -22.03 -4.30
CA LEU A 3 -2.42 -21.83 -3.11
C LEU A 3 -2.09 -20.49 -2.44
N GLN A 4 -0.81 -20.13 -2.43
CA GLN A 4 -0.40 -18.86 -1.82
C GLN A 4 -1.10 -17.68 -2.49
N GLU A 5 -1.21 -17.72 -3.82
CA GLU A 5 -1.85 -16.64 -4.56
C GLU A 5 -3.36 -16.61 -4.28
N GLN A 6 -3.94 -17.79 -4.07
CA GLN A 6 -5.37 -17.86 -3.80
C GLN A 6 -5.64 -17.25 -2.42
N ILE A 7 -4.79 -17.59 -1.46
CA ILE A 7 -4.91 -17.08 -0.10
C ILE A 7 -4.80 -15.56 -0.09
N MET A 8 -3.76 -15.02 -0.74
CA MET A 8 -3.57 -13.58 -0.78
C MET A 8 -4.80 -12.89 -1.37
N LYS A 9 -5.34 -13.44 -2.46
CA LYS A 9 -6.50 -12.85 -3.09
C LYS A 9 -7.72 -12.90 -2.19
N ALA A 10 -7.87 -14.01 -1.47
CA ALA A 10 -9.00 -14.18 -0.57
C ALA A 10 -8.92 -13.23 0.63
N LEU A 11 -7.70 -12.99 1.12
CA LEU A 11 -7.50 -12.12 2.26
C LEU A 11 -7.21 -10.67 1.89
N HIS A 12 -7.12 -10.41 0.58
CA HIS A 12 -6.85 -9.07 0.06
C HIS A 12 -5.50 -8.49 0.49
N VAL A 13 -4.51 -9.34 0.69
CA VAL A 13 -3.19 -8.87 1.09
C VAL A 13 -2.35 -8.52 -0.15
N GLN A 14 -1.60 -7.43 -0.08
CA GLN A 14 -0.75 -7.01 -1.19
C GLN A 14 0.71 -7.19 -0.81
N PRO A 15 1.56 -7.56 -1.79
CA PRO A 15 2.99 -7.77 -1.53
C PRO A 15 3.72 -6.50 -1.16
N VAL A 16 3.30 -5.38 -1.74
CA VAL A 16 3.91 -4.09 -1.47
C VAL A 16 2.83 -3.05 -1.24
N ILE A 17 2.95 -2.28 -0.16
CA ILE A 17 1.98 -1.25 0.13
C ILE A 17 2.66 0.11 0.29
N ASP A 18 1.87 1.16 0.16
CA ASP A 18 2.33 2.54 0.33
C ASP A 18 1.58 3.01 1.58
N PRO A 19 2.26 3.07 2.74
CA PRO A 19 1.64 3.50 4.00
C PRO A 19 0.72 4.73 3.92
N LYS A 20 1.21 5.83 3.35
CA LYS A 20 0.38 7.02 3.23
C LYS A 20 -0.88 6.75 2.43
N ALA A 21 -0.75 6.01 1.33
CA ALA A 21 -1.89 5.69 0.50
C ALA A 21 -2.83 4.72 1.24
N GLU A 22 -2.26 3.82 2.03
CA GLU A 22 -3.07 2.88 2.79
C GLU A 22 -3.92 3.64 3.83
N ILE A 23 -3.29 4.57 4.53
CA ILE A 23 -3.98 5.38 5.53
C ILE A 23 -5.11 6.17 4.85
N ARG A 24 -4.80 6.72 3.68
CA ARG A 24 -5.76 7.50 2.89
C ARG A 24 -6.96 6.64 2.50
N LYS A 25 -6.67 5.46 1.97
CA LYS A 25 -7.70 4.53 1.52
C LYS A 25 -8.58 4.06 2.67
N ARG A 26 -7.97 3.77 3.81
CA ARG A 26 -8.73 3.28 4.94
C ARG A 26 -9.51 4.38 5.66
N VAL A 27 -8.99 5.61 5.67
CA VAL A 27 -9.73 6.71 6.27
C VAL A 27 -10.93 7.01 5.38
N ASP A 28 -10.76 6.83 4.07
CA ASP A 28 -11.85 7.05 3.12
C ASP A 28 -12.90 5.96 3.27
N PHE A 29 -12.43 4.73 3.47
CA PHE A 29 -13.32 3.58 3.67
C PHE A 29 -14.24 3.88 4.86
N LEU A 30 -13.66 4.39 5.95
CA LEU A 30 -14.39 4.74 7.15
C LEU A 30 -15.38 5.88 6.90
N LYS A 31 -14.90 6.93 6.24
CA LYS A 31 -15.75 8.08 5.94
C LYS A 31 -16.92 7.67 5.03
N ASP A 32 -16.65 6.81 4.05
CA ASP A 32 -17.70 6.37 3.14
C ASP A 32 -18.78 5.54 3.83
N TYR A 33 -18.39 4.68 4.75
CA TYR A 33 -19.38 3.86 5.42
C TYR A 33 -20.29 4.71 6.31
N VAL A 34 -19.71 5.73 6.93
CA VAL A 34 -20.49 6.63 7.77
C VAL A 34 -21.60 7.26 6.92
N LYS A 35 -21.21 7.75 5.75
CA LYS A 35 -22.15 8.39 4.84
C LYS A 35 -23.23 7.43 4.35
N LYS A 36 -22.81 6.25 3.91
CA LYS A 36 -23.76 5.25 3.40
C LYS A 36 -24.80 4.77 4.41
N THR A 37 -24.41 4.66 5.68
CA THR A 37 -25.32 4.19 6.73
C THR A 37 -26.11 5.29 7.43
N GLY A 38 -25.61 6.51 7.37
CA GLY A 38 -26.29 7.60 8.05
C GLY A 38 -25.87 7.68 9.50
N ALA A 39 -24.82 6.95 9.85
CA ALA A 39 -24.31 6.93 11.22
C ALA A 39 -23.65 8.26 11.59
N LYS A 40 -23.51 8.51 12.89
CA LYS A 40 -22.93 9.75 13.41
C LYS A 40 -21.45 9.61 13.76
N GLY A 41 -20.87 8.45 13.47
CA GLY A 41 -19.47 8.26 13.79
C GLY A 41 -19.15 6.83 14.21
N PHE A 42 -18.11 6.67 15.03
CA PHE A 42 -17.66 5.34 15.46
C PHE A 42 -17.38 5.20 16.94
N VAL A 43 -17.34 3.94 17.38
CA VAL A 43 -17.00 3.59 18.75
C VAL A 43 -16.04 2.40 18.64
N LEU A 44 -15.02 2.36 19.48
CA LEU A 44 -14.05 1.26 19.42
C LEU A 44 -13.44 1.00 20.78
N GLY A 45 -13.30 -0.28 21.13
CA GLY A 45 -12.67 -0.64 22.39
C GLY A 45 -11.16 -0.53 22.20
N ILE A 46 -10.50 0.21 23.08
CA ILE A 46 -9.06 0.41 23.03
C ILE A 46 -8.41 -0.46 24.11
N SER A 47 -7.62 -1.44 23.67
CA SER A 47 -6.99 -2.39 24.58
C SER A 47 -5.49 -2.20 24.77
N GLY A 48 -4.88 -1.41 23.90
CA GLY A 48 -3.44 -1.22 23.96
C GLY A 48 -2.82 -2.12 22.91
N GLY A 49 -3.66 -2.95 22.29
CA GLY A 49 -3.18 -3.83 21.24
C GLY A 49 -2.92 -3.05 19.97
N GLN A 50 -2.02 -3.55 19.13
CA GLN A 50 -1.68 -2.87 17.90
C GLN A 50 -2.87 -2.59 16.98
N ASP A 51 -3.74 -3.58 16.80
CA ASP A 51 -4.89 -3.42 15.92
C ASP A 51 -5.84 -2.29 16.31
N SER A 52 -6.24 -2.23 17.59
CA SER A 52 -7.15 -1.18 18.02
C SER A 52 -6.46 0.17 18.06
N THR A 53 -5.15 0.18 18.31
CA THR A 53 -4.42 1.44 18.34
C THR A 53 -4.45 2.06 16.94
N LEU A 54 -4.17 1.25 15.93
CA LEU A 54 -4.18 1.71 14.55
C LEU A 54 -5.58 2.07 14.09
N ALA A 55 -6.53 1.17 14.30
CA ALA A 55 -7.91 1.41 13.90
C ALA A 55 -8.49 2.64 14.60
N GLY A 56 -8.09 2.85 15.84
CA GLY A 56 -8.59 3.99 16.59
C GLY A 56 -8.09 5.32 16.02
N ARG A 57 -6.83 5.35 15.64
CA ARG A 57 -6.24 6.56 15.07
C ARG A 57 -6.89 6.85 13.72
N LEU A 58 -7.12 5.81 12.94
CA LEU A 58 -7.74 6.00 11.64
C LEU A 58 -9.16 6.56 11.81
N ALA A 59 -9.85 6.11 12.85
CA ALA A 59 -11.22 6.58 13.10
C ALA A 59 -11.22 8.05 13.50
N GLN A 60 -10.25 8.46 14.32
CA GLN A 60 -10.17 9.86 14.75
C GLN A 60 -9.88 10.77 13.58
N LEU A 61 -8.98 10.33 12.70
CA LEU A 61 -8.63 11.13 11.52
C LEU A 61 -9.86 11.25 10.63
N ALA A 62 -10.61 10.16 10.51
CA ALA A 62 -11.82 10.14 9.70
C ALA A 62 -12.90 11.12 10.19
N VAL A 63 -13.19 11.14 11.49
CA VAL A 63 -14.23 12.06 11.98
C VAL A 63 -13.75 13.51 11.89
N GLU A 64 -12.46 13.72 12.07
CA GLU A 64 -11.92 15.07 11.99
C GLU A 64 -12.07 15.59 10.56
N GLU A 65 -11.83 14.70 9.58
CA GLU A 65 -11.97 15.08 8.18
C GLU A 65 -13.42 15.39 7.83
N ILE A 66 -14.33 14.57 8.35
CA ILE A 66 -15.75 14.77 8.10
C ILE A 66 -16.20 16.12 8.65
N ARG A 67 -15.76 16.44 9.87
CA ARG A 67 -16.13 17.72 10.47
C ARG A 67 -15.49 18.85 9.69
N ASN A 68 -14.25 18.64 9.22
CA ASN A 68 -13.54 19.67 8.45
C ASN A 68 -14.25 19.94 7.13
N GLU A 69 -15.00 18.96 6.67
CA GLU A 69 -15.73 19.09 5.41
C GLU A 69 -17.16 19.59 5.63
N GLY A 70 -17.45 20.00 6.85
CA GLY A 70 -18.77 20.52 7.16
C GLY A 70 -19.79 19.49 7.63
N GLY A 71 -19.35 18.24 7.86
CA GLY A 71 -20.27 17.22 8.31
C GLY A 71 -20.26 17.03 9.83
N ASN A 72 -21.04 16.08 10.32
CA ASN A 72 -21.11 15.79 11.75
C ASN A 72 -20.61 14.37 11.99
N ALA A 73 -19.59 14.24 12.83
CA ALA A 73 -19.02 12.92 13.14
C ALA A 73 -18.33 12.97 14.49
N THR A 74 -18.39 11.86 15.23
CA THR A 74 -17.78 11.78 16.55
C THR A 74 -17.14 10.42 16.73
N PHE A 75 -16.03 10.36 17.47
CA PHE A 75 -15.40 9.08 17.73
C PHE A 75 -15.28 8.87 19.23
N ILE A 76 -15.80 7.75 19.71
CA ILE A 76 -15.74 7.46 21.13
C ILE A 76 -14.86 6.24 21.33
N ALA A 77 -13.76 6.42 22.04
CA ALA A 77 -12.85 5.32 22.34
C ALA A 77 -13.22 4.84 23.74
N VAL A 78 -13.30 3.54 23.94
CA VAL A 78 -13.66 3.02 25.25
C VAL A 78 -12.66 1.99 25.73
N ARG A 79 -12.21 2.17 26.96
CA ARG A 79 -11.26 1.25 27.59
C ARG A 79 -12.15 0.28 28.38
N LEU A 80 -11.91 -1.01 28.23
CA LEU A 80 -12.77 -1.99 28.88
C LEU A 80 -12.02 -2.94 29.81
N PRO A 81 -11.47 -2.41 30.90
CA PRO A 81 -10.73 -3.26 31.83
C PRO A 81 -11.61 -4.21 32.63
N TYR A 82 -11.04 -5.36 32.98
CA TYR A 82 -11.71 -6.31 33.85
C TYR A 82 -10.91 -6.12 35.13
N LYS A 83 -11.44 -5.32 36.05
CA LYS A 83 -10.77 -5.02 37.32
C LYS A 83 -9.53 -4.14 37.09
N VAL A 84 -8.52 -4.70 36.44
CA VAL A 84 -7.28 -3.98 36.15
C VAL A 84 -6.72 -4.40 34.79
N GLU A 88 -4.23 -0.94 31.86
CA GLU A 88 -2.80 -1.08 31.57
C GLU A 88 -2.22 0.22 31.06
N ASP A 89 -0.89 0.33 31.09
CA ASP A 89 -0.23 1.53 30.60
C ASP A 89 -0.21 1.55 29.08
N ASP A 90 -0.34 0.36 28.48
CA ASP A 90 -0.36 0.24 27.02
C ASP A 90 -1.63 0.88 26.49
N ALA A 91 -2.74 0.65 27.19
CA ALA A 91 -4.02 1.22 26.80
C ALA A 91 -3.98 2.74 26.91
N GLN A 92 -3.37 3.24 27.99
CA GLN A 92 -3.25 4.67 28.19
C GLN A 92 -2.37 5.29 27.12
N LEU A 93 -1.27 4.63 26.82
CA LEU A 93 -0.35 5.12 25.80
C LEU A 93 -1.07 5.19 24.46
N ALA A 94 -1.93 4.20 24.19
CA ALA A 94 -2.68 4.19 22.94
C ALA A 94 -3.66 5.35 22.89
N LEU A 95 -4.34 5.62 24.00
CA LEU A 95 -5.28 6.72 24.05
C LEU A 95 -4.58 8.05 23.81
N GLN A 96 -3.35 8.19 24.31
CA GLN A 96 -2.60 9.43 24.11
C GLN A 96 -2.25 9.61 22.64
N PHE A 97 -2.07 8.51 21.93
CA PHE A 97 -1.74 8.55 20.51
C PHE A 97 -2.99 8.83 19.67
N ILE A 98 -4.09 8.19 20.04
CA ILE A 98 -5.34 8.34 19.31
C ILE A 98 -5.97 9.73 19.43
N GLN A 99 -5.95 10.29 20.64
CA GLN A 99 -6.53 11.61 20.88
C GLN A 99 -7.98 11.65 20.40
N ALA A 100 -8.80 10.73 20.91
CA ALA A 100 -10.20 10.67 20.53
C ALA A 100 -11.03 11.81 21.13
N ASP A 101 -12.17 12.08 20.52
CA ASP A 101 -13.10 13.10 20.96
C ASP A 101 -13.54 12.79 22.39
N GLN A 102 -13.91 11.54 22.62
CA GLN A 102 -14.36 11.08 23.93
C GLN A 102 -13.61 9.79 24.29
N SER A 103 -13.21 9.70 25.55
CA SER A 103 -12.51 8.55 26.07
C SER A 103 -13.25 8.08 27.33
N VAL A 104 -13.90 6.93 27.24
CA VAL A 104 -14.67 6.38 28.35
C VAL A 104 -13.97 5.21 29.04
N ALA A 105 -13.98 5.22 30.37
CA ALA A 105 -13.38 4.14 31.17
C ALA A 105 -14.56 3.30 31.68
N PHE A 106 -14.74 2.11 31.12
CA PHE A 106 -15.87 1.24 31.48
C PHE A 106 -15.42 -0.12 32.01
N ASP A 107 -15.34 -0.28 33.33
CA ASP A 107 -14.91 -1.55 33.90
C ASP A 107 -16.02 -2.58 33.67
N ILE A 108 -15.68 -3.71 33.09
CA ILE A 108 -16.67 -4.75 32.80
C ILE A 108 -16.82 -5.78 33.91
N ALA A 109 -16.06 -5.62 34.99
CA ALA A 109 -16.08 -6.58 36.10
C ALA A 109 -17.44 -6.87 36.72
N SER A 110 -18.21 -5.84 37.06
CA SER A 110 -19.50 -6.09 37.68
C SER A 110 -20.44 -6.90 36.78
N THR A 111 -20.36 -6.71 35.48
CA THR A 111 -21.21 -7.44 34.55
C THR A 111 -20.69 -8.87 34.37
N VAL A 112 -19.39 -9.01 34.13
CA VAL A 112 -18.78 -10.33 33.97
C VAL A 112 -18.97 -11.18 35.23
N ASP A 113 -18.73 -10.58 36.39
CA ASP A 113 -18.88 -11.31 37.65
C ASP A 113 -20.31 -11.67 37.98
N ALA A 114 -21.27 -10.82 37.60
CA ALA A 114 -22.66 -11.14 37.86
C ALA A 114 -23.00 -12.36 36.98
N PHE A 115 -22.51 -12.37 35.75
CA PHE A 115 -22.78 -13.49 34.87
C PHE A 115 -22.13 -14.76 35.40
N SER A 116 -20.84 -14.66 35.73
CA SER A 116 -20.09 -15.81 36.23
C SER A 116 -20.72 -16.40 37.47
N ASN A 117 -21.06 -15.54 38.43
CA ASN A 117 -21.69 -15.96 39.67
C ASN A 117 -23.01 -16.68 39.40
N GLN A 118 -23.79 -16.17 38.46
CA GLN A 118 -25.08 -16.77 38.13
C GLN A 118 -24.80 -18.13 37.45
N TYR A 119 -23.87 -18.14 36.52
CA TYR A 119 -23.53 -19.38 35.82
C TYR A 119 -23.05 -20.46 36.78
N GLU A 120 -22.08 -20.14 37.63
CA GLU A 120 -21.55 -21.14 38.54
C GLU A 120 -22.60 -21.65 39.52
N ASN A 121 -23.59 -20.81 39.82
CA ASN A 121 -24.67 -21.18 40.73
C ASN A 121 -25.73 -22.03 40.05
N LEU A 122 -26.12 -21.67 38.83
CA LEU A 122 -27.16 -22.42 38.14
C LEU A 122 -26.72 -23.71 37.48
N LEU A 123 -25.49 -23.74 36.98
CA LEU A 123 -24.97 -24.93 36.34
C LEU A 123 -24.17 -25.78 37.32
N ASP A 124 -23.82 -25.19 38.46
CA ASP A 124 -23.07 -25.87 39.51
C ASP A 124 -21.72 -26.39 39.00
N GLU A 125 -20.92 -25.48 38.49
CA GLU A 125 -19.59 -25.78 37.99
C GLU A 125 -18.87 -24.45 37.79
N SER A 126 -17.55 -24.48 37.77
CA SER A 126 -16.83 -23.22 37.58
C SER A 126 -16.51 -22.97 36.11
N LEU A 127 -16.59 -21.70 35.72
CA LEU A 127 -16.27 -21.30 34.36
C LEU A 127 -14.77 -21.44 34.20
N THR A 128 -14.33 -22.13 33.14
CA THR A 128 -12.90 -22.29 32.91
C THR A 128 -12.32 -20.97 32.42
N ASP A 129 -11.00 -20.84 32.52
CA ASP A 129 -10.32 -19.62 32.06
C ASP A 129 -10.63 -19.33 30.60
N PHE A 130 -10.59 -20.35 29.74
CA PHE A 130 -10.87 -20.16 28.33
C PHE A 130 -12.30 -19.68 28.07
N ASN A 131 -13.28 -20.33 28.68
CA ASN A 131 -14.65 -19.92 28.43
C ASN A 131 -14.94 -18.55 29.03
N LYS A 132 -14.28 -18.22 30.14
CA LYS A 132 -14.48 -16.91 30.75
C LYS A 132 -13.83 -15.88 29.83
N GLY A 133 -12.78 -16.30 29.13
CA GLY A 133 -12.11 -15.40 28.20
C GLY A 133 -13.09 -14.99 27.11
N ASN A 134 -13.92 -15.93 26.67
CA ASN A 134 -14.91 -15.62 25.66
C ASN A 134 -16.06 -14.78 26.25
N VAL A 135 -16.40 -15.02 27.51
CA VAL A 135 -17.46 -14.24 28.14
C VAL A 135 -17.04 -12.77 28.21
N LYS A 136 -15.81 -12.55 28.64
CA LYS A 136 -15.29 -11.19 28.74
C LYS A 136 -15.28 -10.50 27.38
N ALA A 137 -14.81 -11.19 26.35
CA ALA A 137 -14.77 -10.62 25.01
C ALA A 137 -16.17 -10.24 24.54
N ARG A 138 -17.15 -11.11 24.79
CA ARG A 138 -18.52 -10.82 24.39
C ARG A 138 -19.12 -9.66 25.16
N ILE A 139 -18.80 -9.56 26.45
CA ILE A 139 -19.32 -8.47 27.26
C ILE A 139 -18.70 -7.15 26.79
N ARG A 140 -17.47 -7.21 26.29
CA ARG A 140 -16.84 -6.01 25.78
C ARG A 140 -17.61 -5.55 24.54
N MET A 141 -18.08 -6.49 23.72
CA MET A 141 -18.85 -6.15 22.52
C MET A 141 -20.23 -5.63 22.90
N VAL A 142 -20.82 -6.18 23.96
CA VAL A 142 -22.12 -5.69 24.41
C VAL A 142 -21.98 -4.21 24.74
N THR A 143 -20.88 -3.88 25.43
CA THR A 143 -20.63 -2.50 25.83
C THR A 143 -20.47 -1.58 24.63
N GLN A 144 -19.68 -2.00 23.65
CA GLN A 144 -19.47 -1.16 22.47
C GLN A 144 -20.76 -0.99 21.67
N TYR A 145 -21.53 -2.05 21.53
CA TYR A 145 -22.79 -1.95 20.80
C TYR A 145 -23.84 -1.13 21.55
N ALA A 146 -23.77 -1.10 22.87
CA ALA A 146 -24.74 -0.31 23.64
C ALA A 146 -24.39 1.17 23.42
N ILE A 147 -23.10 1.50 23.49
CA ILE A 147 -22.68 2.88 23.27
C ILE A 147 -23.02 3.27 21.83
N GLY A 148 -22.70 2.39 20.88
CA GLY A 148 -23.01 2.66 19.49
C GLY A 148 -24.49 2.89 19.26
N GLY A 149 -25.32 2.02 19.84
CA GLY A 149 -26.75 2.14 19.69
C GLY A 149 -27.29 3.41 20.33
N GLN A 150 -26.76 3.78 21.49
CA GLN A 150 -27.20 4.97 22.21
C GLN A 150 -26.71 6.28 21.59
N LYS A 151 -25.63 6.23 20.80
CA LYS A 151 -25.07 7.43 20.19
C LYS A 151 -25.14 7.47 18.66
N GLY A 152 -25.74 6.45 18.06
CA GLY A 152 -25.86 6.38 16.62
C GLY A 152 -24.53 6.16 15.94
N LEU A 153 -23.64 5.42 16.60
CA LEU A 153 -22.31 5.16 16.06
C LEU A 153 -22.12 3.73 15.55
N LEU A 154 -21.12 3.56 14.69
CA LEU A 154 -20.78 2.26 14.12
C LEU A 154 -19.67 1.64 14.98
N VAL A 155 -19.75 0.33 15.23
CA VAL A 155 -18.73 -0.36 16.01
C VAL A 155 -17.64 -0.84 15.08
N ILE A 156 -16.42 -0.38 15.32
CA ILE A 156 -15.26 -0.76 14.53
C ILE A 156 -14.70 -2.05 15.12
N GLY A 157 -14.41 -3.02 14.25
CA GLY A 157 -13.87 -4.29 14.71
C GLY A 157 -12.42 -4.46 14.30
N THR A 158 -11.70 -5.30 15.03
CA THR A 158 -10.29 -5.57 14.76
C THR A 158 -10.03 -7.08 14.66
N ASP A 159 -11.09 -7.88 14.65
CA ASP A 159 -10.92 -9.33 14.54
C ASP A 159 -10.94 -9.70 13.07
N HIS A 160 -10.84 -11.00 12.78
CA HIS A 160 -10.82 -11.48 11.41
C HIS A 160 -9.60 -10.95 10.66
N ALA A 161 -8.49 -10.81 11.38
CA ALA A 161 -7.25 -10.35 10.80
C ALA A 161 -6.76 -11.45 9.84
N ALA A 162 -5.98 -11.06 8.84
CA ALA A 162 -5.47 -12.00 7.85
C ALA A 162 -4.88 -13.26 8.50
N GLU A 163 -4.05 -13.07 9.52
CA GLU A 163 -3.42 -14.20 10.20
C GLU A 163 -4.44 -15.14 10.85
N ALA A 164 -5.52 -14.57 11.37
CA ALA A 164 -6.57 -15.35 12.01
C ALA A 164 -7.34 -16.18 11.00
N VAL A 165 -7.73 -15.55 9.92
CA VAL A 165 -8.50 -16.25 8.88
C VAL A 165 -7.68 -17.43 8.38
N THR A 166 -6.36 -17.27 8.37
CA THR A 166 -5.47 -18.33 7.92
C THR A 166 -5.43 -19.48 8.91
N GLY A 167 -5.82 -19.21 10.16
CA GLY A 167 -5.83 -20.26 11.15
C GLY A 167 -4.86 -20.10 12.30
N PHE A 168 -4.20 -18.95 12.37
CA PHE A 168 -3.24 -18.71 13.44
C PHE A 168 -3.60 -17.48 14.25
N PHE A 169 -3.18 -17.46 15.51
CA PHE A 169 -3.41 -16.35 16.42
C PHE A 169 -4.87 -15.91 16.53
N THR A 170 -5.75 -16.87 16.80
CA THR A 170 -7.17 -16.62 16.93
C THR A 170 -7.44 -15.81 18.21
N LYS A 171 -8.46 -14.97 18.18
CA LYS A 171 -8.83 -14.15 19.32
C LYS A 171 -10.10 -14.65 20.00
N PHE A 172 -10.30 -14.24 21.26
CA PHE A 172 -11.50 -14.60 22.02
C PHE A 172 -12.62 -13.77 21.43
N GLY A 173 -13.88 -14.14 21.68
CA GLY A 173 -15.00 -13.39 21.15
C GLY A 173 -15.45 -13.88 19.79
N ASP A 174 -16.56 -13.34 19.28
CA ASP A 174 -17.07 -13.79 17.99
C ASP A 174 -16.58 -12.97 16.79
N GLY A 175 -15.93 -11.83 17.06
CA GLY A 175 -15.42 -11.01 15.97
C GLY A 175 -16.43 -10.16 15.22
N GLY A 176 -17.68 -10.15 15.68
CA GLY A 176 -18.70 -9.34 15.00
C GLY A 176 -18.47 -7.86 15.19
N ALA A 177 -18.76 -7.08 14.14
CA ALA A 177 -18.60 -5.64 14.18
C ALA A 177 -19.31 -5.05 12.97
N ASP A 178 -19.43 -3.72 12.92
CA ASP A 178 -20.10 -3.10 11.79
C ASP A 178 -19.16 -2.88 10.62
N LEU A 179 -17.88 -2.68 10.93
CA LEU A 179 -16.83 -2.40 9.93
C LEU A 179 -15.47 -2.94 10.34
N LEU A 180 -14.68 -3.33 9.34
CA LEU A 180 -13.33 -3.85 9.58
C LEU A 180 -12.35 -3.06 8.69
N PRO A 181 -11.90 -1.89 9.18
CA PRO A 181 -10.99 -1.03 8.42
C PRO A 181 -9.57 -1.55 8.18
N LEU A 182 -9.19 -2.63 8.86
CA LEU A 182 -7.85 -3.17 8.68
C LEU A 182 -7.79 -4.39 7.77
N THR A 183 -8.90 -4.71 7.13
CA THR A 183 -8.96 -5.86 6.24
C THR A 183 -7.88 -5.78 5.16
N GLY A 184 -7.15 -6.88 4.99
CA GLY A 184 -6.11 -6.91 3.97
C GLY A 184 -4.71 -6.62 4.46
N LEU A 185 -4.59 -6.07 5.67
CA LEU A 185 -3.27 -5.75 6.23
C LEU A 185 -2.73 -6.88 7.11
N THR A 186 -1.42 -7.12 7.02
CA THR A 186 -0.82 -8.12 7.88
C THR A 186 -0.44 -7.35 9.13
N LYS A 187 -0.01 -8.07 10.15
CA LYS A 187 0.40 -7.43 11.39
C LYS A 187 1.59 -6.50 11.15
N ARG A 188 2.56 -6.94 10.34
CA ARG A 188 3.73 -6.12 10.09
C ARG A 188 3.40 -4.91 9.21
N GLN A 189 2.45 -5.05 8.29
CA GLN A 189 2.08 -3.90 7.46
C GLN A 189 1.38 -2.87 8.33
N GLY A 190 0.65 -3.34 9.34
CA GLY A 190 -0.03 -2.44 10.25
C GLY A 190 1.00 -1.65 11.01
N ARG A 191 2.11 -2.30 11.31
CA ARG A 191 3.22 -1.69 12.03
C ARG A 191 3.74 -0.53 11.18
N ALA A 192 3.78 -0.74 9.87
CA ALA A 192 4.25 0.28 8.94
C ALA A 192 3.33 1.48 8.97
N LEU A 193 2.02 1.24 9.06
CA LEU A 193 1.07 2.35 9.09
C LEU A 193 1.25 3.16 10.37
N LEU A 194 1.39 2.46 11.50
CA LEU A 194 1.56 3.13 12.78
C LEU A 194 2.82 4.01 12.78
N GLN A 195 3.87 3.55 12.11
CA GLN A 195 5.12 4.32 12.02
C GLN A 195 4.85 5.61 11.25
N GLU A 196 4.18 5.47 10.11
CA GLU A 196 3.85 6.62 9.30
C GLU A 196 3.00 7.61 10.07
N LEU A 197 2.16 7.10 10.98
CA LEU A 197 1.28 7.95 11.78
C LEU A 197 2.01 8.58 12.96
N GLY A 198 3.27 8.19 13.15
CA GLY A 198 4.09 8.74 14.22
C GLY A 198 3.81 8.20 15.61
N ALA A 199 3.26 7.01 15.69
CA ALA A 199 2.96 6.41 16.99
C ALA A 199 4.24 6.08 17.75
N ASP A 200 4.16 6.18 19.07
CA ASP A 200 5.28 5.86 19.92
C ASP A 200 5.64 4.41 19.58
N GLU A 201 6.92 4.17 19.27
CA GLU A 201 7.36 2.83 18.90
C GLU A 201 6.90 1.73 19.87
N ARG A 202 6.73 2.09 21.14
CA ARG A 202 6.30 1.12 22.14
C ARG A 202 4.90 0.56 21.84
N LEU A 203 4.15 1.26 21.00
CA LEU A 203 2.80 0.83 20.65
C LEU A 203 2.79 -0.29 19.61
N TYR A 204 3.98 -0.70 19.16
CA TYR A 204 4.08 -1.77 18.19
C TYR A 204 5.38 -2.55 18.30
N LEU A 205 5.99 -2.52 19.48
CA LEU A 205 7.24 -3.23 19.72
C LEU A 205 7.31 -3.75 21.15
N ILE A 227 4.57 -21.76 13.68
CA ILE A 227 5.13 -20.65 12.92
C ILE A 227 4.97 -19.32 13.66
N THR A 228 5.80 -18.36 13.32
CA THR A 228 5.78 -17.04 13.94
C THR A 228 5.03 -16.04 13.07
N TYR A 229 4.85 -14.82 13.59
CA TYR A 229 4.18 -13.77 12.85
C TYR A 229 5.00 -13.39 11.63
N ASP A 230 6.32 -13.30 11.79
CA ASP A 230 7.20 -12.93 10.68
C ASP A 230 7.15 -13.94 9.54
N GLN A 231 7.16 -15.22 9.89
CA GLN A 231 7.12 -16.27 8.88
C GLN A 231 5.76 -16.23 8.19
N LEU A 232 4.72 -16.15 9.01
CA LEU A 232 3.35 -16.10 8.50
C LEU A 232 3.11 -14.86 7.65
N ASP A 233 3.66 -13.73 8.08
CA ASP A 233 3.46 -12.49 7.32
C ASP A 233 4.29 -12.49 6.04
N ASP A 234 5.41 -13.22 6.03
CA ASP A 234 6.19 -13.30 4.81
C ASP A 234 5.36 -14.03 3.78
N TYR A 235 4.75 -15.13 4.21
CA TYR A 235 3.92 -15.95 3.35
C TYR A 235 2.70 -15.18 2.82
N LEU A 236 1.99 -14.50 3.72
CA LEU A 236 0.80 -13.75 3.34
C LEU A 236 1.12 -12.57 2.43
N GLU A 237 2.31 -12.02 2.57
CA GLU A 237 2.72 -10.89 1.74
C GLU A 237 3.33 -11.34 0.41
N GLY A 238 3.17 -12.62 0.10
CA GLY A 238 3.68 -13.15 -1.16
C GLY A 238 5.18 -13.32 -1.28
N LYS A 239 5.88 -13.31 -0.15
CA LYS A 239 7.33 -13.49 -0.19
C LYS A 239 7.66 -14.98 -0.29
N THR A 240 8.90 -15.28 -0.63
CA THR A 240 9.37 -16.66 -0.74
C THR A 240 9.76 -17.14 0.65
N VAL A 241 9.22 -18.28 1.07
CA VAL A 241 9.53 -18.84 2.38
C VAL A 241 9.93 -20.30 2.25
N PRO A 242 10.64 -20.85 3.26
CA PRO A 242 11.07 -22.24 3.22
C PRO A 242 9.90 -23.16 2.94
N ALA A 243 10.15 -24.26 2.25
CA ALA A 243 9.11 -25.22 1.89
C ALA A 243 8.31 -25.72 3.10
N ASP A 244 9.00 -25.98 4.20
CA ASP A 244 8.31 -26.45 5.41
C ASP A 244 7.36 -25.40 5.97
N VAL A 245 7.80 -24.15 6.00
CA VAL A 245 6.96 -23.06 6.50
C VAL A 245 5.69 -22.95 5.67
N ALA A 246 5.83 -23.05 4.34
CA ALA A 246 4.70 -22.97 3.45
C ALA A 246 3.77 -24.15 3.72
N GLU A 247 4.36 -25.32 3.89
CA GLU A 247 3.59 -26.53 4.15
C GLU A 247 2.72 -26.40 5.39
N LYS A 248 3.30 -25.93 6.48
CA LYS A 248 2.55 -25.76 7.73
C LYS A 248 1.37 -24.81 7.60
N ILE A 249 1.61 -23.68 6.94
CA ILE A 249 0.58 -22.67 6.74
C ILE A 249 -0.56 -23.16 5.85
N GLU A 250 -0.20 -23.69 4.68
CA GLU A 250 -1.20 -24.18 3.75
C GLU A 250 -1.97 -25.35 4.36
N LYS A 251 -1.30 -26.09 5.24
CA LYS A 251 -1.90 -27.23 5.90
C LYS A 251 -3.11 -26.79 6.71
N ARG A 252 -2.95 -25.71 7.47
CA ARG A 252 -4.04 -25.21 8.29
C ARG A 252 -5.12 -24.50 7.47
N TYR A 253 -4.71 -23.81 6.41
CA TYR A 253 -5.67 -23.11 5.58
C TYR A 253 -6.64 -24.08 4.92
N THR A 254 -6.11 -25.23 4.50
CA THR A 254 -6.93 -26.24 3.84
C THR A 254 -7.87 -26.97 4.80
N VAL A 255 -7.48 -27.06 6.06
CA VAL A 255 -8.30 -27.71 7.06
C VAL A 255 -9.62 -26.96 7.20
N SER A 256 -9.57 -25.66 6.88
CA SER A 256 -10.74 -24.80 6.96
C SER A 256 -11.46 -24.73 5.60
N MET A 266 -17.08 -18.35 7.79
CA MET A 266 -15.74 -17.77 7.85
C MET A 266 -14.73 -18.78 8.41
N PHE A 267 -13.53 -18.77 7.84
CA PHE A 267 -12.46 -19.66 8.25
C PHE A 267 -12.11 -19.40 9.71
N ASP A 268 -12.10 -18.12 10.07
CA ASP A 268 -11.77 -17.71 11.43
C ASP A 268 -12.75 -18.31 12.44
N ASP A 269 -14.04 -18.26 12.14
CA ASP A 269 -15.05 -18.80 13.05
C ASP A 269 -14.84 -20.28 13.33
N TRP A 270 -14.33 -21.00 12.32
CA TRP A 270 -14.06 -22.42 12.48
C TRP A 270 -12.99 -22.63 13.54
N TRP A 271 -11.95 -21.81 13.50
CA TRP A 271 -10.87 -21.93 14.46
C TRP A 271 -11.29 -21.49 15.86
N LYS A 272 -12.26 -20.58 15.95
CA LYS A 272 -12.74 -20.12 17.26
C LYS A 272 -13.49 -21.28 17.92
N LEU A 273 -14.32 -21.95 17.14
CA LEU A 273 -15.10 -23.09 17.63
C LEU A 273 -14.18 -24.25 17.98
N ALA A 274 -13.23 -24.55 17.09
CA ALA A 274 -12.29 -25.63 17.34
C ALA A 274 -11.52 -25.39 18.64
N ALA A 275 -11.13 -24.15 18.90
CA ALA A 275 -10.39 -23.83 20.12
C ALA A 275 -11.24 -24.08 21.37
N ALA A 276 -12.51 -23.70 21.29
CA ALA A 276 -13.42 -23.89 22.43
C ALA A 276 -13.58 -25.39 22.72
N LEU A 277 -13.74 -26.18 21.67
CA LEU A 277 -13.91 -27.61 21.81
C LEU A 277 -12.64 -28.28 22.35
N GLU A 278 -11.48 -27.89 21.81
CA GLU A 278 -10.22 -28.46 22.26
C GLU A 278 -9.94 -28.20 23.74
N HIS A 279 -10.14 -26.95 24.17
CA HIS A 279 -9.92 -26.60 25.57
C HIS A 279 -10.86 -27.35 26.50
N HIS A 280 -12.10 -27.53 26.06
CA HIS A 280 -13.07 -28.26 26.87
C HIS A 280 -12.64 -29.73 26.99
N HIS A 281 -12.20 -30.28 25.86
CA HIS A 281 -11.77 -31.67 25.82
C HIS A 281 -10.60 -31.95 26.76
N HIS A 282 -9.56 -31.14 26.65
CA HIS A 282 -8.37 -31.31 27.47
C HIS A 282 -8.45 -30.70 28.86
N HIS A 283 -9.61 -30.16 29.22
CA HIS A 283 -9.76 -29.56 30.55
C HIS A 283 -9.86 -30.65 31.60
N MET B 1 -35.15 -15.96 -15.73
CA MET B 1 -35.39 -16.04 -14.26
C MET B 1 -35.78 -14.68 -13.69
N THR B 2 -36.99 -14.59 -13.13
CA THR B 2 -37.48 -13.35 -12.56
C THR B 2 -36.76 -13.05 -11.26
N LEU B 3 -36.86 -11.81 -10.79
CA LEU B 3 -36.21 -11.41 -9.55
C LEU B 3 -36.73 -12.28 -8.41
N GLN B 4 -38.02 -12.59 -8.44
CA GLN B 4 -38.63 -13.42 -7.40
C GLN B 4 -37.99 -14.80 -7.39
N GLU B 5 -37.76 -15.37 -8.57
CA GLU B 5 -37.12 -16.68 -8.66
C GLU B 5 -35.68 -16.60 -8.17
N GLN B 6 -35.04 -15.46 -8.39
CA GLN B 6 -33.66 -15.27 -7.95
C GLN B 6 -33.59 -15.20 -6.43
N ILE B 7 -34.54 -14.50 -5.82
CA ILE B 7 -34.58 -14.34 -4.38
C ILE B 7 -34.87 -15.68 -3.70
N MET B 8 -35.78 -16.46 -4.28
CA MET B 8 -36.12 -17.76 -3.73
C MET B 8 -34.88 -18.66 -3.73
N LYS B 9 -34.16 -18.62 -4.83
CA LYS B 9 -32.95 -19.43 -4.98
C LYS B 9 -31.87 -18.99 -4.00
N ALA B 10 -31.66 -17.69 -3.89
CA ALA B 10 -30.65 -17.15 -2.99
C ALA B 10 -30.93 -17.48 -1.52
N LEU B 11 -32.21 -17.55 -1.18
CA LEU B 11 -32.62 -17.85 0.20
C LEU B 11 -32.93 -19.34 0.42
N HIS B 12 -32.80 -20.13 -0.63
CA HIS B 12 -33.06 -21.57 -0.56
C HIS B 12 -34.48 -21.94 -0.18
N VAL B 13 -35.45 -21.09 -0.52
CA VAL B 13 -36.85 -21.37 -0.22
C VAL B 13 -37.49 -22.16 -1.36
N GLN B 14 -38.13 -23.27 -1.02
CA GLN B 14 -38.79 -24.10 -2.03
C GLN B 14 -40.29 -23.81 -2.07
N PRO B 15 -40.88 -23.79 -3.27
CA PRO B 15 -42.31 -23.52 -3.43
C PRO B 15 -43.21 -24.55 -2.75
N VAL B 16 -42.74 -25.79 -2.73
CA VAL B 16 -43.51 -26.87 -2.11
C VAL B 16 -42.57 -27.75 -1.30
N ILE B 17 -43.02 -28.17 -0.12
CA ILE B 17 -42.20 -29.02 0.73
C ILE B 17 -43.02 -30.17 1.29
N ASP B 18 -42.31 -31.22 1.70
CA ASP B 18 -42.93 -32.37 2.32
C ASP B 18 -42.43 -32.38 3.76
N PRO B 19 -43.28 -32.01 4.72
CA PRO B 19 -42.93 -31.96 6.14
C PRO B 19 -42.03 -33.09 6.66
N LYS B 20 -42.41 -34.34 6.36
CA LYS B 20 -41.60 -35.47 6.80
C LYS B 20 -40.20 -35.44 6.21
N ALA B 21 -40.11 -35.12 4.92
CA ALA B 21 -38.82 -35.07 4.24
C ALA B 21 -37.97 -33.92 4.76
N GLU B 22 -38.59 -32.79 5.06
CA GLU B 22 -37.86 -31.64 5.57
C GLU B 22 -37.29 -31.97 6.94
N ILE B 23 -38.11 -32.58 7.78
CA ILE B 23 -37.69 -32.97 9.13
C ILE B 23 -36.47 -33.88 9.07
N ARG B 24 -36.54 -34.91 8.23
CA ARG B 24 -35.44 -35.85 8.07
C ARG B 24 -34.20 -35.13 7.53
N LYS B 25 -34.42 -34.25 6.56
CA LYS B 25 -33.35 -33.48 5.96
C LYS B 25 -32.64 -32.60 6.98
N ARG B 26 -33.43 -31.92 7.80
CA ARG B 26 -32.85 -31.02 8.80
C ARG B 26 -32.28 -31.74 10.00
N VAL B 27 -32.82 -32.91 10.31
CA VAL B 27 -32.26 -33.67 11.42
C VAL B 27 -30.91 -34.20 10.96
N ASP B 28 -30.79 -34.58 9.68
CA ASP B 28 -29.51 -35.08 9.17
C ASP B 28 -28.46 -33.97 9.16
N PHE B 29 -28.90 -32.75 8.86
CA PHE B 29 -28.01 -31.60 8.82
C PHE B 29 -27.37 -31.38 10.19
N LEU B 30 -28.20 -31.44 11.23
CA LEU B 30 -27.74 -31.27 12.60
C LEU B 30 -26.77 -32.38 12.97
N LYS B 31 -27.13 -33.62 12.65
CA LYS B 31 -26.29 -34.76 12.96
C LYS B 31 -24.94 -34.67 12.24
N ASP B 32 -24.96 -34.29 10.97
CA ASP B 32 -23.73 -34.18 10.22
C ASP B 32 -22.80 -33.11 10.76
N TYR B 33 -23.34 -31.98 11.18
CA TYR B 33 -22.50 -30.91 11.71
C TYR B 33 -21.83 -31.38 12.98
N VAL B 34 -22.55 -32.17 13.79
CA VAL B 34 -22.00 -32.71 15.03
C VAL B 34 -20.77 -33.56 14.73
N LYS B 35 -20.87 -34.39 13.70
CA LYS B 35 -19.77 -35.27 13.33
C LYS B 35 -18.58 -34.50 12.79
N LYS B 36 -18.84 -33.55 11.89
CA LYS B 36 -17.75 -32.79 11.28
C LYS B 36 -16.98 -31.90 12.25
N THR B 37 -17.64 -31.38 13.27
CA THR B 37 -16.98 -30.50 14.24
C THR B 37 -16.41 -31.25 15.42
N GLY B 38 -16.95 -32.44 15.67
CA GLY B 38 -16.49 -33.23 16.80
C GLY B 38 -17.13 -32.76 18.09
N ALA B 39 -18.22 -32.01 17.98
CA ALA B 39 -18.94 -31.49 19.13
C ALA B 39 -19.73 -32.60 19.83
N LYS B 40 -20.19 -32.34 21.05
CA LYS B 40 -20.92 -33.32 21.83
C LYS B 40 -22.43 -33.11 21.83
N GLY B 41 -22.90 -32.18 21.00
CA GLY B 41 -24.33 -31.94 20.96
C GLY B 41 -24.68 -30.49 20.68
N PHE B 42 -25.83 -30.05 21.18
CA PHE B 42 -26.30 -28.68 20.94
C PHE B 42 -26.85 -28.02 22.19
N VAL B 43 -26.94 -26.69 22.13
CA VAL B 43 -27.54 -25.89 23.19
C VAL B 43 -28.40 -24.87 22.45
N LEU B 44 -29.56 -24.53 23.00
CA LEU B 44 -30.46 -23.58 22.36
C LEU B 44 -31.35 -22.84 23.35
N GLY B 45 -31.48 -21.54 23.18
CA GLY B 45 -32.35 -20.76 24.05
C GLY B 45 -33.79 -21.00 23.61
N ILE B 46 -34.65 -21.36 24.55
CA ILE B 46 -36.06 -21.63 24.26
C ILE B 46 -36.89 -20.44 24.77
N SER B 47 -37.47 -19.71 23.83
CA SER B 47 -38.26 -18.52 24.14
C SER B 47 -39.77 -18.70 24.12
N GLY B 48 -40.24 -19.76 23.48
CA GLY B 48 -41.67 -19.98 23.36
C GLY B 48 -42.07 -19.57 21.96
N GLY B 49 -41.11 -19.00 21.23
CA GLY B 49 -41.35 -18.60 19.86
C GLY B 49 -41.31 -19.80 18.94
N GLN B 50 -42.04 -19.72 17.83
CA GLN B 50 -42.10 -20.81 16.87
C GLN B 50 -40.74 -21.34 16.37
N ASP B 51 -39.82 -20.43 16.06
CA ASP B 51 -38.52 -20.84 15.55
C ASP B 51 -37.71 -21.70 16.51
N SER B 52 -37.57 -21.25 17.75
CA SER B 52 -36.80 -22.02 18.72
C SER B 52 -37.56 -23.31 19.11
N THR B 53 -38.88 -23.28 19.09
CA THR B 53 -39.66 -24.48 19.42
C THR B 53 -39.35 -25.58 18.41
N LEU B 54 -39.39 -25.23 17.13
CA LEU B 54 -39.12 -26.20 16.06
C LEU B 54 -37.66 -26.63 16.07
N ALA B 55 -36.74 -25.66 16.08
CA ALA B 55 -35.31 -25.99 16.09
C ALA B 55 -34.96 -26.85 17.31
N GLY B 56 -35.61 -26.59 18.44
CA GLY B 56 -35.33 -27.37 19.63
C GLY B 56 -35.76 -28.83 19.51
N ARG B 57 -36.91 -29.06 18.91
CA ARG B 57 -37.39 -30.43 18.76
C ARG B 57 -36.50 -31.18 17.78
N LEU B 58 -36.07 -30.51 16.71
CA LEU B 58 -35.19 -31.15 15.73
C LEU B 58 -33.87 -31.51 16.40
N ALA B 59 -33.41 -30.64 17.32
CA ALA B 59 -32.17 -30.90 18.02
C ALA B 59 -32.30 -32.15 18.88
N GLN B 60 -33.41 -32.25 19.61
CA GLN B 60 -33.64 -33.41 20.48
C GLN B 60 -33.72 -34.68 19.67
N LEU B 61 -34.44 -34.63 18.54
CA LEU B 61 -34.56 -35.80 17.68
C LEU B 61 -33.19 -36.20 17.17
N ALA B 62 -32.38 -35.21 16.81
CA ALA B 62 -31.04 -35.46 16.31
C ALA B 62 -30.16 -36.19 17.33
N VAL B 63 -30.14 -35.72 18.58
CA VAL B 63 -29.30 -36.37 19.57
C VAL B 63 -29.79 -37.76 19.93
N GLU B 64 -31.11 -37.96 19.90
CA GLU B 64 -31.67 -39.27 20.22
C GLU B 64 -31.22 -40.26 19.14
N GLU B 65 -31.26 -39.83 17.88
CA GLU B 65 -30.81 -40.70 16.80
C GLU B 65 -29.33 -41.01 16.91
N ILE B 66 -28.52 -40.00 17.20
CA ILE B 66 -27.08 -40.20 17.34
C ILE B 66 -26.81 -41.25 18.41
N ARG B 67 -27.50 -41.13 19.54
CA ARG B 67 -27.31 -42.08 20.62
C ARG B 67 -27.82 -43.46 20.23
N ASN B 68 -28.97 -43.50 19.57
CA ASN B 68 -29.56 -44.76 19.13
C ASN B 68 -28.62 -45.49 18.17
N GLU B 69 -27.85 -44.72 17.42
CA GLU B 69 -26.90 -45.28 16.47
C GLU B 69 -25.56 -45.60 17.12
N GLY B 70 -25.50 -45.48 18.43
CA GLY B 70 -24.27 -45.78 19.14
C GLY B 70 -23.32 -44.63 19.37
N GLY B 71 -23.76 -43.41 19.10
CA GLY B 71 -22.90 -42.26 19.30
C GLY B 71 -23.15 -41.55 20.62
N ASN B 72 -22.44 -40.45 20.84
CA ASN B 72 -22.59 -39.68 22.06
C ASN B 72 -23.08 -38.29 21.68
N ALA B 73 -24.20 -37.88 22.24
CA ALA B 73 -24.76 -36.56 21.95
C ALA B 73 -25.72 -36.16 23.05
N THR B 74 -25.79 -34.86 23.32
CA THR B 74 -26.64 -34.32 24.37
C THR B 74 -27.28 -33.02 23.88
N PHE B 75 -28.51 -32.76 24.29
CA PHE B 75 -29.15 -31.50 23.91
C PHE B 75 -29.56 -30.77 25.18
N ILE B 76 -29.09 -29.53 25.33
CA ILE B 76 -29.42 -28.73 26.49
C ILE B 76 -30.27 -27.55 26.08
N ALA B 77 -31.51 -27.50 26.56
CA ALA B 77 -32.43 -26.40 26.28
C ALA B 77 -32.33 -25.42 27.44
N VAL B 78 -32.27 -24.13 27.15
CA VAL B 78 -32.16 -23.16 28.23
C VAL B 78 -33.20 -22.07 28.06
N ARG B 79 -33.89 -21.79 29.17
CA ARG B 79 -34.91 -20.76 29.22
C ARG B 79 -34.16 -19.56 29.77
N LEU B 80 -34.31 -18.41 29.13
CA LEU B 80 -33.59 -17.21 29.52
C LEU B 80 -34.50 -16.04 29.82
N PRO B 81 -35.25 -16.11 30.93
CA PRO B 81 -36.15 -15.02 31.28
C PRO B 81 -35.43 -13.81 31.85
N TYR B 82 -36.02 -12.64 31.65
CA TYR B 82 -35.50 -11.42 32.22
C TYR B 82 -36.55 -11.12 33.28
N LYS B 83 -36.21 -11.44 34.53
CA LYS B 83 -37.14 -11.24 35.64
C LYS B 83 -38.37 -12.13 35.44
N GLU B 88 -43.38 -17.09 31.16
CA GLU B 88 -42.86 -18.05 30.18
C GLU B 88 -43.85 -19.18 29.95
N ASP B 89 -45.13 -18.84 29.82
CA ASP B 89 -46.17 -19.84 29.58
C ASP B 89 -45.91 -20.54 28.25
N ASP B 90 -45.57 -19.76 27.23
CA ASP B 90 -45.28 -20.32 25.91
C ASP B 90 -43.97 -21.09 25.94
N ALA B 91 -43.02 -20.59 26.73
CA ALA B 91 -41.71 -21.23 26.86
C ALA B 91 -41.89 -22.57 27.58
N GLN B 92 -42.72 -22.58 28.61
CA GLN B 92 -42.97 -23.82 29.36
C GLN B 92 -43.65 -24.85 28.47
N LEU B 93 -44.60 -24.39 27.66
CA LEU B 93 -45.30 -25.28 26.76
C LEU B 93 -44.31 -25.83 25.73
N ALA B 94 -43.41 -24.98 25.26
CA ALA B 94 -42.40 -25.37 24.29
C ALA B 94 -41.47 -26.44 24.88
N LEU B 95 -40.99 -26.22 26.08
CA LEU B 95 -40.10 -27.18 26.73
C LEU B 95 -40.77 -28.53 26.86
N GLN B 96 -42.09 -28.54 27.11
CA GLN B 96 -42.83 -29.77 27.25
C GLN B 96 -42.92 -30.54 25.94
N PHE B 97 -42.97 -29.80 24.84
CA PHE B 97 -43.04 -30.40 23.51
C PHE B 97 -41.66 -30.91 23.09
N ILE B 98 -40.64 -30.11 23.39
CA ILE B 98 -39.28 -30.46 23.02
C ILE B 98 -38.73 -31.68 23.77
N GLN B 99 -39.02 -31.79 25.06
CA GLN B 99 -38.54 -32.91 25.88
C GLN B 99 -37.02 -33.10 25.77
N ALA B 100 -36.30 -32.04 26.09
CA ALA B 100 -34.84 -32.06 26.02
C ALA B 100 -34.20 -32.88 27.13
N ASP B 101 -32.96 -33.30 26.91
CA ASP B 101 -32.21 -34.08 27.89
C ASP B 101 -32.06 -33.25 29.17
N GLN B 102 -31.71 -31.99 28.98
CA GLN B 102 -31.55 -31.07 30.10
C GLN B 102 -32.28 -29.76 29.79
N SER B 103 -32.97 -29.23 30.80
CA SER B 103 -33.68 -27.95 30.69
C SER B 103 -33.16 -27.08 31.82
N VAL B 104 -32.51 -25.99 31.47
CA VAL B 104 -31.94 -25.08 32.45
C VAL B 104 -32.71 -23.76 32.51
N ALA B 105 -33.01 -23.28 33.72
CA ALA B 105 -33.71 -22.01 33.88
C ALA B 105 -32.60 -21.04 34.30
N PHE B 106 -32.26 -20.13 33.41
CA PHE B 106 -31.19 -19.17 33.66
C PHE B 106 -31.71 -17.73 33.55
N ASP B 107 -32.02 -17.11 34.68
CA ASP B 107 -32.53 -15.72 34.66
C ASP B 107 -31.36 -14.80 34.32
N ILE B 108 -31.52 -13.99 33.28
CA ILE B 108 -30.46 -13.09 32.86
C ILE B 108 -30.52 -11.70 33.50
N ALA B 109 -31.53 -11.47 34.34
CA ALA B 109 -31.71 -10.16 34.98
C ALA B 109 -30.53 -9.61 35.78
N SER B 110 -29.85 -10.44 36.58
CA SER B 110 -28.74 -9.93 37.37
C SER B 110 -27.59 -9.47 36.48
N THR B 111 -27.43 -10.12 35.32
CA THR B 111 -26.37 -9.75 34.39
C THR B 111 -26.80 -8.51 33.60
N VAL B 112 -28.03 -8.53 33.09
CA VAL B 112 -28.52 -7.37 32.34
C VAL B 112 -28.58 -6.12 33.21
N ASP B 113 -29.03 -6.24 34.46
CA ASP B 113 -29.10 -5.06 35.32
C ASP B 113 -27.72 -4.59 35.80
N ALA B 114 -26.78 -5.52 35.95
CA ALA B 114 -25.45 -5.12 36.35
C ALA B 114 -24.88 -4.26 35.22
N PHE B 115 -25.13 -4.67 33.98
CA PHE B 115 -24.63 -3.92 32.83
C PHE B 115 -25.34 -2.59 32.72
N SER B 116 -26.66 -2.63 32.80
CA SER B 116 -27.47 -1.43 32.70
C SER B 116 -27.12 -0.39 33.75
N ASN B 117 -26.96 -0.83 34.99
CA ASN B 117 -26.62 0.08 36.06
C ASN B 117 -25.24 0.71 35.80
N GLN B 118 -24.28 -0.10 35.37
CA GLN B 118 -22.95 0.42 35.08
C GLN B 118 -23.02 1.41 33.90
N TYR B 119 -23.76 1.05 32.86
CA TYR B 119 -23.88 1.90 31.69
C TYR B 119 -24.50 3.25 32.06
N GLU B 120 -25.62 3.23 32.77
CA GLU B 120 -26.28 4.48 33.12
C GLU B 120 -25.41 5.37 34.01
N ASN B 121 -24.56 4.75 34.83
CA ASN B 121 -23.68 5.51 35.71
C ASN B 121 -22.48 6.11 34.98
N LEU B 122 -21.81 5.29 34.18
CA LEU B 122 -20.62 5.74 33.46
C LEU B 122 -20.88 6.67 32.29
N LEU B 123 -22.00 6.46 31.59
CA LEU B 123 -22.33 7.31 30.46
C LEU B 123 -23.36 8.37 30.82
N ASP B 124 -23.85 8.31 32.05
CA ASP B 124 -24.83 9.29 32.54
C ASP B 124 -26.02 9.50 31.61
N GLU B 125 -26.75 8.41 31.36
CA GLU B 125 -27.95 8.44 30.52
C GLU B 125 -28.69 7.12 30.64
N SER B 126 -29.98 7.13 30.33
CA SER B 126 -30.76 5.90 30.41
C SER B 126 -30.70 5.12 29.11
N LEU B 127 -30.63 3.79 29.22
CA LEU B 127 -30.63 2.93 28.05
C LEU B 127 -32.05 2.96 27.53
N THR B 128 -32.23 3.16 26.23
CA THR B 128 -33.56 3.18 25.64
C THR B 128 -34.07 1.74 25.61
N ASP B 129 -35.38 1.58 25.38
CA ASP B 129 -35.95 0.25 25.32
C ASP B 129 -35.35 -0.56 24.18
N PHE B 130 -35.19 0.06 23.02
CA PHE B 130 -34.63 -0.63 21.87
C PHE B 130 -33.20 -1.12 22.12
N ASN B 131 -32.36 -0.24 22.65
CA ASN B 131 -30.96 -0.62 22.90
C ASN B 131 -30.86 -1.66 24.02
N LYS B 132 -31.75 -1.59 25.02
CA LYS B 132 -31.73 -2.58 26.09
C LYS B 132 -32.20 -3.90 25.50
N GLY B 133 -33.03 -3.83 24.47
CA GLY B 133 -33.50 -5.03 23.80
C GLY B 133 -32.32 -5.76 23.18
N ASN B 134 -31.39 -5.02 22.60
CA ASN B 134 -30.21 -5.66 22.02
C ASN B 134 -29.28 -6.18 23.11
N VAL B 135 -29.20 -5.46 24.23
CA VAL B 135 -28.35 -5.89 25.32
C VAL B 135 -28.85 -7.24 25.86
N LYS B 136 -30.16 -7.36 26.03
CA LYS B 136 -30.73 -8.62 26.51
C LYS B 136 -30.48 -9.76 25.53
N ALA B 137 -30.67 -9.49 24.24
CA ALA B 137 -30.44 -10.50 23.22
C ALA B 137 -28.99 -10.97 23.22
N ARG B 138 -28.05 -10.03 23.34
CA ARG B 138 -26.64 -10.39 23.38
C ARG B 138 -26.28 -11.18 24.65
N ILE B 139 -26.85 -10.79 25.79
CA ILE B 139 -26.57 -11.47 27.05
C ILE B 139 -27.13 -12.91 26.96
N ARG B 140 -28.23 -13.07 26.25
CA ARG B 140 -28.80 -14.41 26.07
C ARG B 140 -27.82 -15.25 25.26
N MET B 141 -27.12 -14.63 24.30
CA MET B 141 -26.15 -15.37 23.50
C MET B 141 -24.89 -15.66 24.32
N VAL B 142 -24.52 -14.74 25.22
CA VAL B 142 -23.36 -15.00 26.07
C VAL B 142 -23.63 -16.28 26.86
N THR B 143 -24.84 -16.39 27.42
CA THR B 143 -25.22 -17.55 28.23
C THR B 143 -25.15 -18.84 27.42
N GLN B 144 -25.71 -18.84 26.22
CA GLN B 144 -25.70 -20.04 25.40
C GLN B 144 -24.28 -20.45 25.01
N TYR B 145 -23.44 -19.49 24.66
CA TYR B 145 -22.06 -19.80 24.30
C TYR B 145 -21.24 -20.22 25.51
N ALA B 146 -21.59 -19.73 26.69
CA ALA B 146 -20.86 -20.12 27.89
C ALA B 146 -21.23 -21.59 28.16
N ILE B 147 -22.52 -21.91 28.04
CA ILE B 147 -22.96 -23.29 28.25
C ILE B 147 -22.36 -24.18 27.16
N GLY B 148 -22.40 -23.72 25.92
CA GLY B 148 -21.83 -24.49 24.83
C GLY B 148 -20.33 -24.76 25.02
N GLY B 149 -19.59 -23.72 25.41
CA GLY B 149 -18.16 -23.88 25.61
C GLY B 149 -17.81 -24.79 26.76
N GLN B 150 -18.61 -24.72 27.82
CA GLN B 150 -18.38 -25.53 29.01
C GLN B 150 -18.80 -26.99 28.81
N LYS B 151 -19.66 -27.26 27.83
CA LYS B 151 -20.14 -28.63 27.61
C LYS B 151 -19.75 -29.24 26.24
N GLY B 152 -18.98 -28.50 25.45
CA GLY B 152 -18.55 -28.99 24.15
C GLY B 152 -19.69 -29.02 23.14
N LEU B 153 -20.68 -28.15 23.33
CA LEU B 153 -21.84 -28.12 22.45
C LEU B 153 -21.85 -26.98 21.44
N LEU B 154 -22.64 -27.17 20.38
CA LEU B 154 -22.79 -26.18 19.33
C LEU B 154 -24.02 -25.33 19.63
N VAL B 155 -23.92 -24.03 19.41
CA VAL B 155 -25.07 -23.16 19.63
C VAL B 155 -25.91 -23.11 18.37
N ILE B 156 -27.17 -23.49 18.49
CA ILE B 156 -28.11 -23.49 17.37
C ILE B 156 -28.72 -22.09 17.28
N GLY B 157 -28.81 -21.55 16.07
CA GLY B 157 -29.39 -20.23 15.92
C GLY B 157 -30.73 -20.23 15.22
N THR B 158 -31.54 -19.19 15.45
CA THR B 158 -32.85 -19.09 14.81
C THR B 158 -32.99 -17.75 14.08
N ASP B 159 -31.93 -16.95 14.03
CA ASP B 159 -32.00 -15.66 13.34
C ASP B 159 -31.70 -15.86 11.85
N HIS B 160 -31.63 -14.76 11.11
CA HIS B 160 -31.37 -14.81 9.68
C HIS B 160 -32.44 -15.64 8.97
N ALA B 161 -33.68 -15.51 9.42
CA ALA B 161 -34.77 -16.24 8.79
C ALA B 161 -34.94 -15.67 7.38
N ALA B 162 -35.54 -16.44 6.48
CA ALA B 162 -35.75 -16.00 5.10
C ALA B 162 -36.42 -14.62 5.05
N GLU B 163 -37.43 -14.41 5.88
CA GLU B 163 -38.12 -13.12 5.92
C GLU B 163 -37.21 -11.97 6.34
N ALA B 164 -36.29 -12.24 7.26
CA ALA B 164 -35.37 -11.22 7.75
C ALA B 164 -34.29 -10.88 6.72
N VAL B 165 -33.76 -11.91 6.05
CA VAL B 165 -32.73 -11.70 5.05
C VAL B 165 -33.31 -10.89 3.90
N THR B 166 -34.65 -10.88 3.80
CA THR B 166 -35.31 -10.12 2.75
C THR B 166 -35.48 -8.68 3.21
N GLY B 167 -35.46 -8.46 4.51
CA GLY B 167 -35.60 -7.11 5.04
C GLY B 167 -36.81 -6.84 5.92
N PHE B 168 -37.53 -7.89 6.32
CA PHE B 168 -38.71 -7.72 7.15
C PHE B 168 -38.66 -8.54 8.45
N PHE B 169 -39.39 -8.07 9.46
CA PHE B 169 -39.45 -8.74 10.75
C PHE B 169 -38.08 -9.05 11.34
N THR B 170 -37.27 -8.01 11.49
CA THR B 170 -35.93 -8.11 12.03
C THR B 170 -35.96 -8.40 13.54
N LYS B 171 -34.96 -9.14 14.02
CA LYS B 171 -34.87 -9.49 15.43
C LYS B 171 -33.77 -8.73 16.16
N PHE B 172 -33.86 -8.72 17.49
CA PHE B 172 -32.86 -8.09 18.35
C PHE B 172 -31.63 -9.00 18.35
N GLY B 173 -30.46 -8.46 18.66
CA GLY B 173 -29.26 -9.27 18.70
C GLY B 173 -28.51 -9.30 17.40
N ASP B 174 -27.35 -9.97 17.37
CA ASP B 174 -26.56 -10.04 16.15
C ASP B 174 -26.80 -11.29 15.30
N GLY B 175 -27.61 -12.20 15.81
CA GLY B 175 -27.92 -13.41 15.05
C GLY B 175 -26.80 -14.44 14.89
N GLY B 176 -25.67 -14.21 15.55
CA GLY B 176 -24.56 -15.14 15.44
C GLY B 176 -24.86 -16.47 16.12
N ALA B 177 -24.46 -17.57 15.48
CA ALA B 177 -24.67 -18.91 16.02
C ALA B 177 -23.72 -19.86 15.31
N ASP B 178 -23.66 -21.11 15.75
CA ASP B 178 -22.77 -22.07 15.12
C ASP B 178 -23.45 -22.77 13.96
N LEU B 179 -24.77 -22.88 14.02
CA LEU B 179 -25.52 -23.61 13.02
C LEU B 179 -26.93 -23.06 12.87
N LEU B 180 -27.47 -23.05 11.64
CA LEU B 180 -28.82 -22.56 11.38
C LEU B 180 -29.65 -23.66 10.71
N PRO B 181 -30.27 -24.55 11.50
CA PRO B 181 -31.08 -25.64 10.95
C PRO B 181 -32.37 -25.27 10.20
N LEU B 182 -32.83 -24.03 10.35
CA LEU B 182 -34.07 -23.62 9.68
C LEU B 182 -33.87 -22.82 8.38
N THR B 183 -32.63 -22.70 7.93
CA THR B 183 -32.33 -21.97 6.71
C THR B 183 -33.20 -22.44 5.56
N GLY B 184 -33.83 -21.51 4.86
CA GLY B 184 -34.67 -21.85 3.72
C GLY B 184 -36.16 -22.02 3.98
N LEU B 185 -36.53 -22.23 5.24
CA LEU B 185 -37.94 -22.40 5.58
C LEU B 185 -38.61 -21.05 5.84
N THR B 186 -39.84 -20.89 5.38
CA THR B 186 -40.58 -19.65 5.64
C THR B 186 -41.28 -19.92 6.97
N LYS B 187 -41.81 -18.87 7.59
CA LYS B 187 -42.51 -19.03 8.86
C LYS B 187 -43.68 -19.99 8.69
N ARG B 188 -44.37 -19.89 7.55
CA ARG B 188 -45.52 -20.74 7.28
C ARG B 188 -45.11 -22.20 7.18
N GLN B 189 -44.04 -22.48 6.45
CA GLN B 189 -43.57 -23.85 6.30
C GLN B 189 -43.14 -24.38 7.67
N GLY B 190 -42.65 -23.48 8.52
CA GLY B 190 -42.24 -23.87 9.86
C GLY B 190 -43.42 -24.43 10.62
N ARG B 191 -44.58 -23.79 10.46
CA ARG B 191 -45.80 -24.24 11.11
C ARG B 191 -46.13 -25.66 10.65
N ALA B 192 -45.94 -25.92 9.36
CA ALA B 192 -46.22 -27.23 8.79
C ALA B 192 -45.37 -28.31 9.46
N LEU B 193 -44.09 -28.04 9.65
CA LEU B 193 -43.21 -29.01 10.29
C LEU B 193 -43.65 -29.25 11.72
N LEU B 194 -44.04 -28.19 12.41
CA LEU B 194 -44.49 -28.32 13.79
C LEU B 194 -45.74 -29.19 13.89
N GLN B 195 -46.69 -29.00 12.97
CA GLN B 195 -47.91 -29.81 13.01
C GLN B 195 -47.56 -31.27 12.73
N GLU B 196 -46.63 -31.49 11.81
CA GLU B 196 -46.21 -32.84 11.47
C GLU B 196 -45.51 -33.49 12.67
N LEU B 197 -44.84 -32.67 13.48
CA LEU B 197 -44.14 -33.17 14.66
C LEU B 197 -45.12 -33.34 15.82
N GLY B 198 -46.36 -32.93 15.61
CA GLY B 198 -47.39 -33.07 16.63
C GLY B 198 -47.41 -32.01 17.72
N ALA B 199 -46.90 -30.83 17.41
CA ALA B 199 -46.86 -29.75 18.40
C ALA B 199 -48.24 -29.21 18.76
N ASP B 200 -48.37 -28.72 19.99
CA ASP B 200 -49.61 -28.13 20.46
C ASP B 200 -49.91 -26.91 19.60
N GLU B 201 -51.15 -26.82 19.11
CA GLU B 201 -51.55 -25.71 18.25
C GLU B 201 -51.15 -24.34 18.81
N ARG B 202 -51.11 -24.23 20.13
CA ARG B 202 -50.75 -22.97 20.77
C ARG B 202 -49.29 -22.59 20.49
N LEU B 203 -48.51 -23.54 20.00
CA LEU B 203 -47.10 -23.30 19.70
C LEU B 203 -46.83 -22.83 18.27
N TYR B 204 -47.88 -22.77 17.46
CA TYR B 204 -47.70 -22.32 16.07
C TYR B 204 -48.91 -21.63 15.49
N LEU B 205 -49.69 -20.97 16.34
CA LEU B 205 -50.88 -20.24 15.92
C LEU B 205 -51.09 -19.01 16.78
N ILE B 227 -46.23 -4.91 4.53
CA ILE B 227 -46.26 -6.32 4.14
C ILE B 227 -46.48 -7.25 5.33
N THR B 228 -47.38 -8.20 5.16
CA THR B 228 -47.69 -9.18 6.20
C THR B 228 -46.89 -10.45 5.92
N TYR B 229 -46.86 -11.35 6.90
CA TYR B 229 -46.14 -12.62 6.72
C TYR B 229 -46.76 -13.43 5.59
N ASP B 230 -48.08 -13.35 5.45
CA ASP B 230 -48.76 -14.10 4.39
C ASP B 230 -48.40 -13.61 3.00
N GLN B 231 -48.28 -12.29 2.84
CA GLN B 231 -47.92 -11.74 1.55
C GLN B 231 -46.46 -12.12 1.27
N LEU B 232 -45.60 -11.86 2.24
CA LEU B 232 -44.18 -12.16 2.10
C LEU B 232 -43.90 -13.64 1.86
N ASP B 233 -44.53 -14.51 2.64
CA ASP B 233 -44.31 -15.93 2.47
C ASP B 233 -44.91 -16.43 1.16
N ASP B 234 -45.95 -15.75 0.67
CA ASP B 234 -46.54 -16.14 -0.61
C ASP B 234 -45.48 -15.89 -1.68
N TYR B 235 -44.88 -14.71 -1.61
CA TYR B 235 -43.84 -14.33 -2.56
C TYR B 235 -42.63 -15.25 -2.49
N LEU B 236 -42.13 -15.49 -1.28
CA LEU B 236 -40.97 -16.35 -1.12
C LEU B 236 -41.25 -17.79 -1.53
N GLU B 237 -42.52 -18.18 -1.49
CA GLU B 237 -42.90 -19.53 -1.87
C GLU B 237 -43.20 -19.68 -3.36
N GLY B 238 -42.91 -18.63 -4.12
CA GLY B 238 -43.12 -18.68 -5.56
C GLY B 238 -44.54 -18.47 -6.05
N LYS B 239 -45.42 -18.02 -5.18
CA LYS B 239 -46.82 -17.78 -5.57
C LYS B 239 -46.94 -16.44 -6.27
N THR B 240 -47.94 -16.32 -7.14
CA THR B 240 -48.16 -15.08 -7.87
C THR B 240 -48.77 -14.04 -6.92
N VAL B 241 -48.16 -12.88 -6.84
CA VAL B 241 -48.67 -11.82 -5.97
C VAL B 241 -48.82 -10.51 -6.73
N PRO B 242 -49.60 -9.56 -6.19
CA PRO B 242 -49.82 -8.27 -6.83
C PRO B 242 -48.47 -7.60 -7.12
N ALA B 243 -48.42 -6.86 -8.22
CA ALA B 243 -47.19 -6.17 -8.63
C ALA B 243 -46.65 -5.27 -7.51
N ASP B 244 -47.53 -4.55 -6.84
CA ASP B 244 -47.12 -3.65 -5.77
C ASP B 244 -46.49 -4.39 -4.59
N VAL B 245 -46.99 -5.60 -4.31
CA VAL B 245 -46.45 -6.41 -3.22
C VAL B 245 -45.04 -6.85 -3.60
N ALA B 246 -44.89 -7.37 -4.80
CA ALA B 246 -43.60 -7.81 -5.29
C ALA B 246 -42.66 -6.61 -5.32
N GLU B 247 -43.20 -5.46 -5.71
CA GLU B 247 -42.44 -4.21 -5.80
C GLU B 247 -41.81 -3.82 -4.46
N LYS B 248 -42.60 -3.87 -3.39
CA LYS B 248 -42.11 -3.51 -2.06
C LYS B 248 -41.06 -4.49 -1.57
N ILE B 249 -41.34 -5.78 -1.73
CA ILE B 249 -40.42 -6.81 -1.30
C ILE B 249 -39.08 -6.72 -2.04
N GLU B 250 -39.15 -6.64 -3.36
CA GLU B 250 -37.94 -6.57 -4.16
C GLU B 250 -37.16 -5.29 -3.90
N LYS B 251 -37.86 -4.23 -3.50
CA LYS B 251 -37.21 -2.95 -3.22
C LYS B 251 -36.27 -3.07 -2.02
N ARG B 252 -36.76 -3.66 -0.93
CA ARG B 252 -35.94 -3.82 0.27
C ARG B 252 -34.81 -4.80 0.04
N TYR B 253 -35.08 -5.85 -0.72
CA TYR B 253 -34.06 -6.86 -0.99
C TYR B 253 -32.88 -6.26 -1.75
N THR B 254 -33.13 -5.22 -2.52
CA THR B 254 -32.08 -4.56 -3.29
C THR B 254 -31.32 -3.53 -2.45
N VAL B 255 -32.00 -2.91 -1.49
CA VAL B 255 -31.38 -1.93 -0.62
C VAL B 255 -30.35 -2.58 0.31
N SER B 256 -29.80 -3.71 -0.14
CA SER B 256 -28.80 -4.44 0.62
C SER B 256 -28.30 -5.65 -0.18
N MET B 266 -24.10 -9.45 4.93
CA MET B 266 -25.41 -10.03 5.23
C MET B 266 -26.51 -8.97 5.12
N PHE B 267 -27.59 -9.31 4.42
CA PHE B 267 -28.70 -8.39 4.24
C PHE B 267 -29.29 -8.09 5.61
N ASP B 268 -29.58 -9.15 6.36
CA ASP B 268 -30.15 -9.05 7.69
C ASP B 268 -29.41 -8.06 8.59
N ASP B 269 -28.08 -8.15 8.61
CA ASP B 269 -27.28 -7.26 9.44
C ASP B 269 -27.48 -5.79 9.08
N TRP B 270 -27.70 -5.50 7.80
CA TRP B 270 -27.91 -4.12 7.39
C TRP B 270 -29.15 -3.57 8.07
N TRP B 271 -30.22 -4.37 8.09
CA TRP B 271 -31.47 -3.93 8.70
C TRP B 271 -31.38 -3.81 10.21
N LYS B 272 -30.55 -4.64 10.84
CA LYS B 272 -30.37 -4.55 12.30
C LYS B 272 -29.74 -3.19 12.62
N LEU B 273 -28.70 -2.84 11.87
CA LEU B 273 -28.02 -1.55 12.06
C LEU B 273 -28.98 -0.40 11.76
N ALA B 274 -29.69 -0.50 10.64
CA ALA B 274 -30.64 0.55 10.28
C ALA B 274 -31.66 0.75 11.40
N ALA B 275 -32.14 -0.34 11.99
CA ALA B 275 -33.11 -0.26 13.07
C ALA B 275 -32.54 0.49 14.27
N ALA B 276 -31.31 0.18 14.63
CA ALA B 276 -30.67 0.84 15.76
C ALA B 276 -30.53 2.34 15.47
N LEU B 277 -30.06 2.68 14.27
CA LEU B 277 -29.89 4.09 13.91
C LEU B 277 -31.23 4.83 13.87
N GLU B 278 -32.24 4.24 13.26
CA GLU B 278 -33.54 4.89 13.16
C GLU B 278 -34.14 5.15 14.55
N HIS B 279 -34.06 4.16 15.44
CA HIS B 279 -34.59 4.33 16.78
C HIS B 279 -33.86 5.41 17.55
N HIS B 280 -32.55 5.47 17.37
CA HIS B 280 -31.76 6.49 18.06
C HIS B 280 -32.15 7.88 17.54
N HIS B 281 -32.36 7.96 16.23
CA HIS B 281 -32.73 9.21 15.57
C HIS B 281 -34.11 9.69 16.03
N HIS B 282 -35.09 8.80 15.97
CA HIS B 282 -36.46 9.13 16.35
C HIS B 282 -36.67 9.08 17.86
N HIS B 283 -35.58 9.06 18.62
CA HIS B 283 -35.71 9.02 20.07
C HIS B 283 -35.63 10.43 20.65
N THR C 2 -8.61 24.97 -15.50
CA THR C 2 -7.85 25.70 -16.56
C THR C 2 -6.44 25.16 -16.70
N LEU C 3 -5.81 25.43 -17.83
CA LEU C 3 -4.45 24.97 -18.09
C LEU C 3 -3.47 25.60 -17.09
N GLN C 4 -3.62 26.90 -16.85
CA GLN C 4 -2.75 27.59 -15.90
C GLN C 4 -2.79 26.89 -14.56
N GLU C 5 -3.98 26.63 -14.04
CA GLU C 5 -4.13 25.96 -12.75
C GLU C 5 -3.47 24.58 -12.78
N GLN C 6 -3.58 23.90 -13.91
CA GLN C 6 -3.01 22.57 -14.09
C GLN C 6 -1.48 22.61 -14.07
N ILE C 7 -0.91 23.59 -14.75
CA ILE C 7 0.54 23.75 -14.79
C ILE C 7 1.06 24.08 -13.38
N MET C 8 0.35 24.97 -12.68
CA MET C 8 0.74 25.35 -11.33
C MET C 8 0.78 24.12 -10.42
N LYS C 9 -0.27 23.32 -10.46
CA LYS C 9 -0.35 22.13 -9.63
C LYS C 9 0.75 21.12 -9.96
N ALA C 10 1.01 20.96 -11.26
CA ALA C 10 2.02 20.03 -11.71
C ALA C 10 3.43 20.46 -11.31
N LEU C 11 3.67 21.76 -11.24
CA LEU C 11 5.00 22.26 -10.88
C LEU C 11 5.14 22.55 -9.39
N HIS C 12 4.08 22.29 -8.63
CA HIS C 12 4.07 22.52 -7.18
C HIS C 12 4.31 23.99 -6.82
N VAL C 13 3.88 24.89 -7.71
CA VAL C 13 4.04 26.31 -7.47
C VAL C 13 2.83 26.86 -6.72
N GLN C 14 3.09 27.59 -5.65
CA GLN C 14 2.02 28.19 -4.85
C GLN C 14 1.89 29.67 -5.20
N PRO C 15 0.65 30.19 -5.22
CA PRO C 15 0.41 31.59 -5.55
C PRO C 15 0.96 32.54 -4.49
N VAL C 16 0.97 32.08 -3.25
CA VAL C 16 1.48 32.89 -2.14
C VAL C 16 2.31 32.01 -1.21
N ILE C 17 3.46 32.52 -0.79
CA ILE C 17 4.33 31.75 0.10
C ILE C 17 4.75 32.56 1.32
N ASP C 18 5.16 31.85 2.36
CA ASP C 18 5.65 32.46 3.59
C ASP C 18 7.14 32.12 3.64
N PRO C 19 8.00 33.10 3.33
CA PRO C 19 9.46 32.96 3.31
C PRO C 19 10.04 32.12 4.44
N LYS C 20 9.73 32.48 5.68
CA LYS C 20 10.24 31.76 6.83
C LYS C 20 9.82 30.29 6.83
N ALA C 21 8.58 30.03 6.42
CA ALA C 21 8.08 28.66 6.39
C ALA C 21 8.75 27.86 5.29
N GLU C 22 8.97 28.50 4.13
CA GLU C 22 9.62 27.84 3.01
C GLU C 22 11.04 27.41 3.40
N ILE C 23 11.80 28.34 3.96
CA ILE C 23 13.17 28.06 4.40
C ILE C 23 13.15 26.87 5.34
N ARG C 24 12.26 26.91 6.32
CA ARG C 24 12.13 25.87 7.32
C ARG C 24 11.87 24.51 6.66
N LYS C 25 10.87 24.46 5.79
CA LYS C 25 10.52 23.23 5.11
C LYS C 25 11.66 22.71 4.22
N ARG C 26 12.32 23.61 3.52
CA ARG C 26 13.40 23.18 2.62
C ARG C 26 14.67 22.79 3.38
N VAL C 27 14.87 23.33 4.57
CA VAL C 27 16.03 22.95 5.36
C VAL C 27 15.76 21.54 5.89
N ASP C 28 14.53 21.32 6.35
CA ASP C 28 14.14 20.00 6.86
C ASP C 28 14.26 18.95 5.75
N PHE C 29 13.90 19.35 4.54
CA PHE C 29 13.99 18.47 3.38
C PHE C 29 15.44 17.99 3.24
N LEU C 30 16.36 18.95 3.24
CA LEU C 30 17.78 18.62 3.13
C LEU C 30 18.22 17.69 4.25
N LYS C 31 17.84 18.04 5.49
CA LYS C 31 18.22 17.23 6.65
C LYS C 31 17.69 15.80 6.60
N ASP C 32 16.42 15.64 6.25
CA ASP C 32 15.82 14.30 6.19
C ASP C 32 16.52 13.45 5.13
N TYR C 33 16.86 14.07 4.01
CA TYR C 33 17.51 13.34 2.93
C TYR C 33 18.86 12.78 3.38
N VAL C 34 19.66 13.62 4.02
CA VAL C 34 20.97 13.20 4.48
C VAL C 34 20.83 12.06 5.50
N LYS C 35 19.79 12.13 6.33
CA LYS C 35 19.54 11.11 7.34
C LYS C 35 19.06 9.80 6.72
N LYS C 36 18.23 9.91 5.69
CA LYS C 36 17.72 8.72 5.02
C LYS C 36 18.78 7.98 4.19
N THR C 37 19.74 8.73 3.65
CA THR C 37 20.80 8.13 2.82
C THR C 37 22.02 7.70 3.62
N GLY C 38 22.23 8.29 4.79
CA GLY C 38 23.39 7.96 5.59
C GLY C 38 24.60 8.74 5.12
N ALA C 39 24.35 9.77 4.31
CA ALA C 39 25.40 10.62 3.76
C ALA C 39 26.01 11.52 4.84
N LYS C 40 27.17 12.11 4.53
CA LYS C 40 27.90 12.97 5.45
C LYS C 40 27.69 14.46 5.23
N GLY C 41 26.80 14.82 4.31
CA GLY C 41 26.56 16.23 4.07
C GLY C 41 26.28 16.51 2.60
N PHE C 42 26.59 17.72 2.15
CA PHE C 42 26.32 18.14 0.78
C PHE C 42 27.49 18.84 0.08
N VAL C 43 27.41 18.87 -1.25
CA VAL C 43 28.39 19.58 -2.07
C VAL C 43 27.55 20.29 -3.11
N LEU C 44 27.94 21.53 -3.43
CA LEU C 44 27.21 22.33 -4.41
C LEU C 44 28.13 23.28 -5.16
N GLY C 45 27.91 23.37 -6.48
CA GLY C 45 28.70 24.28 -7.30
C GLY C 45 28.14 25.66 -7.09
N ILE C 46 28.99 26.63 -6.78
CA ILE C 46 28.55 28.01 -6.54
C ILE C 46 28.98 28.87 -7.71
N SER C 47 28.01 29.35 -8.47
CA SER C 47 28.31 30.16 -9.65
C SER C 47 28.02 31.63 -9.50
N GLY C 48 27.38 32.01 -8.39
CA GLY C 48 27.03 33.40 -8.20
C GLY C 48 25.61 33.59 -8.70
N GLY C 49 25.04 32.51 -9.22
CA GLY C 49 23.69 32.56 -9.72
C GLY C 49 22.73 32.50 -8.55
N GLN C 50 21.58 33.14 -8.69
CA GLN C 50 20.59 33.18 -7.61
C GLN C 50 20.22 31.81 -7.02
N ASP C 51 20.05 30.82 -7.89
CA ASP C 51 19.66 29.48 -7.43
C ASP C 51 20.68 28.79 -6.53
N SER C 52 21.93 28.74 -6.97
CA SER C 52 22.97 28.09 -6.19
C SER C 52 23.26 28.88 -4.90
N THR C 53 23.08 30.20 -4.96
CA THR C 53 23.30 31.06 -3.80
C THR C 53 22.28 30.72 -2.71
N LEU C 54 21.01 30.54 -3.11
CA LEU C 54 19.96 30.21 -2.16
C LEU C 54 20.13 28.78 -1.65
N ALA C 55 20.31 27.84 -2.58
CA ALA C 55 20.47 26.43 -2.21
C ALA C 55 21.72 26.27 -1.36
N GLY C 56 22.74 27.08 -1.64
CA GLY C 56 23.97 27.01 -0.87
C GLY C 56 23.73 27.42 0.57
N ARG C 57 23.02 28.53 0.76
CA ARG C 57 22.74 29.01 2.11
C ARG C 57 21.85 28.02 2.87
N LEU C 58 20.90 27.39 2.19
CA LEU C 58 20.02 26.43 2.83
C LEU C 58 20.80 25.20 3.30
N ALA C 59 21.79 24.81 2.51
CA ALA C 59 22.62 23.64 2.83
C ALA C 59 23.49 23.89 4.07
N GLN C 60 24.02 25.11 4.20
CA GLN C 60 24.87 25.42 5.35
C GLN C 60 24.02 25.42 6.62
N LEU C 61 22.84 26.03 6.53
CA LEU C 61 21.92 26.06 7.68
C LEU C 61 21.58 24.64 8.09
N ALA C 62 21.37 23.78 7.10
CA ALA C 62 21.02 22.39 7.35
C ALA C 62 22.11 21.60 8.07
N VAL C 63 23.35 21.71 7.60
CA VAL C 63 24.43 20.96 8.26
C VAL C 63 24.69 21.52 9.65
N GLU C 64 24.46 22.82 9.83
CA GLU C 64 24.67 23.44 11.14
C GLU C 64 23.65 22.98 12.18
N GLU C 65 22.42 22.74 11.74
CA GLU C 65 21.39 22.27 12.67
C GLU C 65 21.65 20.80 12.98
N ILE C 66 22.15 20.05 12.01
CA ILE C 66 22.42 18.63 12.23
C ILE C 66 23.53 18.51 13.29
N ARG C 67 24.54 19.36 13.19
CA ARG C 67 25.64 19.33 14.14
C ARG C 67 25.14 19.79 15.51
N ASN C 68 24.34 20.85 15.55
CA ASN C 68 23.81 21.35 16.80
C ASN C 68 23.01 20.26 17.50
N GLU C 69 22.27 19.50 16.72
CA GLU C 69 21.45 18.41 17.25
C GLU C 69 22.28 17.19 17.61
N GLY C 70 23.59 17.30 17.48
CA GLY C 70 24.47 16.19 17.82
C GLY C 70 24.88 15.25 16.71
N GLY C 71 24.48 15.57 15.48
CA GLY C 71 24.82 14.70 14.36
C GLY C 71 26.07 15.15 13.62
N ASN C 72 26.46 14.38 12.60
CA ASN C 72 27.63 14.69 11.80
C ASN C 72 27.22 15.12 10.39
N ALA C 73 27.64 16.32 9.98
CA ALA C 73 27.31 16.85 8.66
C ALA C 73 28.27 17.96 8.25
N THR C 74 28.55 18.05 6.95
CA THR C 74 29.46 19.06 6.42
C THR C 74 28.97 19.53 5.06
N PHE C 75 29.21 20.80 4.75
CA PHE C 75 28.83 21.34 3.46
C PHE C 75 30.06 21.91 2.76
N ILE C 76 30.29 21.44 1.54
CA ILE C 76 31.40 21.91 0.73
C ILE C 76 30.87 22.68 -0.48
N ALA C 77 31.23 23.96 -0.55
CA ALA C 77 30.83 24.81 -1.66
C ALA C 77 32.01 24.78 -2.61
N VAL C 78 31.75 24.68 -3.91
CA VAL C 78 32.84 24.63 -4.88
C VAL C 78 32.58 25.60 -6.03
N ARG C 79 33.57 26.44 -6.31
CA ARG C 79 33.48 27.41 -7.40
C ARG C 79 34.15 26.73 -8.59
N LEU C 80 33.50 26.75 -9.74
CA LEU C 80 34.01 26.06 -10.92
C LEU C 80 34.21 26.96 -12.12
N PRO C 81 35.12 27.93 -12.02
CA PRO C 81 35.34 28.82 -13.16
C PRO C 81 36.01 28.10 -14.34
N TYR C 82 35.80 28.65 -15.52
CA TYR C 82 36.43 28.12 -16.72
C TYR C 82 37.40 29.24 -17.06
N LYS C 83 38.65 29.05 -16.67
CA LYS C 83 39.69 30.05 -16.89
C LYS C 83 39.53 31.26 -15.95
N ASP C 89 32.53 36.98 -10.64
CA ASP C 89 32.83 37.52 -9.32
C ASP C 89 31.65 37.37 -8.38
N ASP C 90 30.43 37.35 -8.93
CA ASP C 90 29.23 37.20 -8.12
C ASP C 90 29.39 35.98 -7.23
N ALA C 91 30.21 35.04 -7.70
CA ALA C 91 30.48 33.82 -6.96
C ALA C 91 31.09 34.16 -5.61
N GLN C 92 31.98 35.15 -5.60
CA GLN C 92 32.63 35.58 -4.36
C GLN C 92 31.61 36.15 -3.38
N LEU C 93 30.74 37.01 -3.87
CA LEU C 93 29.74 37.61 -3.01
C LEU C 93 28.79 36.54 -2.49
N ALA C 94 28.54 35.52 -3.30
CA ALA C 94 27.65 34.43 -2.90
C ALA C 94 28.29 33.61 -1.78
N LEU C 95 29.56 33.28 -1.94
CA LEU C 95 30.29 32.50 -0.94
C LEU C 95 30.33 33.17 0.43
N GLN C 96 30.44 34.50 0.44
CA GLN C 96 30.50 35.25 1.69
C GLN C 96 29.15 35.23 2.39
N PHE C 97 28.08 35.12 1.60
CA PHE C 97 26.74 35.07 2.15
C PHE C 97 26.51 33.66 2.70
N ILE C 98 26.92 32.67 1.91
CA ILE C 98 26.75 31.27 2.28
C ILE C 98 27.52 30.86 3.54
N GLN C 99 28.79 31.27 3.62
CA GLN C 99 29.65 30.94 4.77
C GLN C 99 29.72 29.44 5.00
N ALA C 100 30.10 28.71 3.95
CA ALA C 100 30.19 27.26 4.02
C ALA C 100 31.37 26.75 4.85
N ASP C 101 31.25 25.51 5.29
CA ASP C 101 32.31 24.87 6.08
C ASP C 101 33.61 24.87 5.28
N GLN C 102 33.50 24.53 4.01
CA GLN C 102 34.66 24.49 3.12
C GLN C 102 34.30 25.13 1.78
N SER C 103 35.23 25.92 1.26
CA SER C 103 35.04 26.55 -0.04
C SER C 103 36.26 26.14 -0.88
N VAL C 104 35.99 25.48 -2.00
CA VAL C 104 37.05 25.02 -2.89
C VAL C 104 36.98 25.77 -4.22
N ALA C 105 38.13 26.09 -4.78
CA ALA C 105 38.20 26.78 -6.07
C ALA C 105 38.77 25.76 -7.03
N PHE C 106 37.93 25.30 -7.98
CA PHE C 106 38.34 24.27 -8.92
C PHE C 106 38.17 24.73 -10.37
N ASP C 107 39.27 25.13 -11.02
CA ASP C 107 39.17 25.59 -12.40
C ASP C 107 39.01 24.37 -13.32
N ILE C 108 37.96 24.38 -14.13
CA ILE C 108 37.69 23.25 -15.01
C ILE C 108 38.33 23.35 -16.40
N ALA C 109 38.98 24.48 -16.70
CA ALA C 109 39.58 24.68 -18.01
C ALA C 109 40.49 23.59 -18.52
N SER C 110 41.41 23.09 -17.68
CA SER C 110 42.32 22.07 -18.17
C SER C 110 41.58 20.81 -18.59
N THR C 111 40.48 20.49 -17.89
CA THR C 111 39.71 19.31 -18.25
C THR C 111 38.88 19.58 -19.50
N VAL C 112 38.18 20.71 -19.52
CA VAL C 112 37.36 21.08 -20.68
C VAL C 112 38.22 21.19 -21.94
N ASP C 113 39.40 21.81 -21.81
CA ASP C 113 40.27 21.98 -22.97
C ASP C 113 40.90 20.68 -23.44
N ALA C 114 41.15 19.76 -22.51
CA ALA C 114 41.71 18.47 -22.89
C ALA C 114 40.63 17.74 -23.73
N PHE C 115 39.38 17.83 -23.31
CA PHE C 115 38.32 17.18 -24.05
C PHE C 115 38.13 17.84 -25.41
N SER C 116 38.03 19.17 -25.43
CA SER C 116 37.83 19.91 -26.66
C SER C 116 38.93 19.65 -27.69
N ASN C 117 40.17 19.55 -27.22
CA ASN C 117 41.30 19.30 -28.11
C ASN C 117 41.26 17.89 -28.69
N GLN C 118 40.86 16.93 -27.86
CA GLN C 118 40.76 15.55 -28.32
C GLN C 118 39.62 15.47 -29.33
N TYR C 119 38.51 16.12 -29.00
CA TYR C 119 37.35 16.10 -29.88
C TYR C 119 37.66 16.68 -31.25
N GLU C 120 38.18 17.90 -31.28
CA GLU C 120 38.50 18.54 -32.56
C GLU C 120 39.52 17.71 -33.34
N ASN C 121 40.40 17.02 -32.64
CA ASN C 121 41.39 16.19 -33.31
C ASN C 121 40.89 14.86 -33.85
N LEU C 122 39.92 14.25 -33.17
CA LEU C 122 39.43 12.95 -33.62
C LEU C 122 38.18 13.03 -34.50
N LEU C 123 37.36 14.05 -34.29
CA LEU C 123 36.15 14.22 -35.09
C LEU C 123 36.42 15.18 -36.25
N ASP C 124 37.54 15.89 -36.17
CA ASP C 124 37.94 16.84 -37.21
C ASP C 124 36.89 17.91 -37.46
N GLU C 125 36.55 18.63 -36.39
CA GLU C 125 35.59 19.73 -36.43
C GLU C 125 35.64 20.43 -35.09
N SER C 126 35.22 21.69 -35.06
CA SER C 126 35.25 22.44 -33.81
C SER C 126 33.90 22.36 -33.09
N LEU C 127 33.97 22.25 -31.77
CA LEU C 127 32.78 22.21 -30.96
C LEU C 127 32.13 23.57 -31.07
N THR C 128 30.82 23.60 -31.29
CA THR C 128 30.11 24.86 -31.39
C THR C 128 29.99 25.42 -29.96
N ASP C 129 29.64 26.69 -29.85
CA ASP C 129 29.48 27.33 -28.55
C ASP C 129 28.43 26.62 -27.70
N PHE C 130 27.31 26.25 -28.32
CA PHE C 130 26.24 25.59 -27.58
C PHE C 130 26.66 24.23 -27.03
N ASN C 131 27.27 23.40 -27.87
CA ASN C 131 27.68 22.08 -27.41
C ASN C 131 28.81 22.14 -26.40
N LYS C 132 29.66 23.16 -26.51
CA LYS C 132 30.74 23.30 -25.56
C LYS C 132 30.12 23.73 -24.24
N GLY C 133 28.98 24.42 -24.34
CA GLY C 133 28.26 24.86 -23.15
C GLY C 133 27.83 23.65 -22.34
N ASN C 134 27.33 22.63 -23.05
CA ASN C 134 26.93 21.42 -22.38
C ASN C 134 28.13 20.62 -21.87
N VAL C 135 29.26 20.70 -22.56
CA VAL C 135 30.45 20.01 -22.08
C VAL C 135 30.87 20.64 -20.76
N LYS C 136 30.92 21.97 -20.71
CA LYS C 136 31.31 22.66 -19.48
C LYS C 136 30.39 22.29 -18.33
N ALA C 137 29.08 22.24 -18.58
CA ALA C 137 28.12 21.89 -17.52
C ALA C 137 28.33 20.47 -17.02
N ARG C 138 28.58 19.53 -17.93
CA ARG C 138 28.78 18.14 -17.51
C ARG C 138 30.09 17.95 -16.75
N ILE C 139 31.11 18.72 -17.12
CA ILE C 139 32.39 18.63 -16.44
C ILE C 139 32.22 19.22 -15.04
N ARG C 140 31.39 20.24 -14.91
CA ARG C 140 31.14 20.82 -13.59
C ARG C 140 30.48 19.77 -12.70
N MET C 141 29.62 18.94 -13.29
CA MET C 141 28.96 17.88 -12.53
C MET C 141 29.91 16.75 -12.22
N VAL C 142 30.82 16.48 -13.15
CA VAL C 142 31.81 15.43 -12.89
C VAL C 142 32.58 15.85 -11.62
N THR C 143 32.91 17.13 -11.53
CA THR C 143 33.68 17.63 -10.39
C THR C 143 32.89 17.48 -9.09
N GLN C 144 31.65 17.96 -9.08
CA GLN C 144 30.83 17.86 -7.89
C GLN C 144 30.64 16.41 -7.43
N TYR C 145 30.43 15.48 -8.36
CA TYR C 145 30.26 14.08 -8.00
C TYR C 145 31.56 13.42 -7.56
N ALA C 146 32.69 13.94 -8.02
CA ALA C 146 33.97 13.37 -7.62
C ALA C 146 34.19 13.78 -6.16
N ILE C 147 33.93 15.04 -5.87
CA ILE C 147 34.08 15.55 -4.49
C ILE C 147 33.05 14.85 -3.59
N GLY C 148 31.82 14.72 -4.08
CA GLY C 148 30.78 14.07 -3.29
C GLY C 148 31.15 12.63 -2.98
N GLY C 149 31.61 11.89 -3.99
CA GLY C 149 32.00 10.50 -3.76
C GLY C 149 33.24 10.34 -2.88
N GLN C 150 34.16 11.29 -2.97
CA GLN C 150 35.41 11.24 -2.19
C GLN C 150 35.19 11.65 -0.73
N LYS C 151 34.08 12.33 -0.46
CA LYS C 151 33.78 12.81 0.89
C LYS C 151 32.46 12.28 1.45
N GLY C 152 31.76 11.44 0.69
CA GLY C 152 30.50 10.88 1.16
C GLY C 152 29.38 11.90 1.23
N LEU C 153 29.40 12.85 0.31
CA LEU C 153 28.38 13.90 0.28
C LEU C 153 27.36 13.75 -0.85
N LEU C 154 26.21 14.38 -0.67
CA LEU C 154 25.14 14.39 -1.66
C LEU C 154 25.29 15.62 -2.54
N VAL C 155 25.07 15.47 -3.84
CA VAL C 155 25.16 16.60 -4.75
C VAL C 155 23.81 17.29 -4.84
N ILE C 156 23.78 18.57 -4.52
CA ILE C 156 22.56 19.35 -4.58
C ILE C 156 22.43 19.93 -5.97
N GLY C 157 21.23 19.90 -6.53
CA GLY C 157 21.04 20.42 -7.88
C GLY C 157 20.16 21.65 -7.89
N THR C 158 20.32 22.49 -8.91
CA THR C 158 19.53 23.70 -9.07
C THR C 158 18.83 23.74 -10.44
N ASP C 159 18.83 22.62 -11.16
CA ASP C 159 18.18 22.61 -12.46
C ASP C 159 16.72 22.18 -12.29
N HIS C 160 16.01 22.04 -13.41
CA HIS C 160 14.61 21.64 -13.37
C HIS C 160 13.78 22.66 -12.59
N ALA C 161 14.12 23.94 -12.73
CA ALA C 161 13.40 24.99 -12.05
C ALA C 161 12.01 25.06 -12.69
N ALA C 162 11.04 25.58 -11.95
CA ALA C 162 9.68 25.70 -12.45
C ALA C 162 9.65 26.28 -13.86
N GLU C 163 10.42 27.36 -14.08
CA GLU C 163 10.46 27.99 -15.39
C GLU C 163 10.96 27.07 -16.49
N ALA C 164 12.01 26.32 -16.19
CA ALA C 164 12.58 25.39 -17.16
C ALA C 164 11.62 24.27 -17.52
N VAL C 165 10.93 23.73 -16.52
CA VAL C 165 9.98 22.65 -16.75
C VAL C 165 8.84 23.12 -17.64
N THR C 166 8.56 24.42 -17.62
CA THR C 166 7.51 25.00 -18.44
C THR C 166 8.00 25.18 -19.86
N GLY C 167 9.33 25.11 -20.04
CA GLY C 167 9.90 25.26 -21.37
C GLY C 167 10.69 26.52 -21.62
N PHE C 168 10.97 27.29 -20.58
CA PHE C 168 11.73 28.53 -20.75
C PHE C 168 13.00 28.59 -19.90
N PHE C 169 13.97 29.36 -20.39
CA PHE C 169 15.24 29.56 -19.69
C PHE C 169 15.91 28.24 -19.34
N THR C 170 15.99 27.35 -20.31
CA THR C 170 16.63 26.05 -20.14
C THR C 170 18.11 26.24 -19.84
N LYS C 171 18.66 25.38 -19.00
CA LYS C 171 20.08 25.46 -18.62
C LYS C 171 20.91 24.40 -19.35
N PHE C 172 22.22 24.65 -19.44
CA PHE C 172 23.13 23.69 -20.06
C PHE C 172 23.24 22.53 -19.07
N GLY C 173 23.69 21.37 -19.55
CA GLY C 173 23.84 20.22 -18.67
C GLY C 173 22.61 19.33 -18.67
N ASP C 174 22.72 18.18 -18.00
CA ASP C 174 21.61 17.23 -17.93
C ASP C 174 20.70 17.45 -16.72
N GLY C 175 21.15 18.30 -15.79
CA GLY C 175 20.36 18.57 -14.61
C GLY C 175 20.31 17.46 -13.57
N GLY C 176 21.16 16.45 -13.72
CA GLY C 176 21.18 15.37 -12.76
C GLY C 176 21.80 15.80 -11.43
N ALA C 177 21.24 15.30 -10.34
CA ALA C 177 21.73 15.61 -8.99
C ALA C 177 21.10 14.63 -8.01
N ASP C 178 21.52 14.67 -6.75
CA ASP C 178 20.96 13.76 -5.76
C ASP C 178 19.64 14.27 -5.17
N LEU C 179 19.49 15.59 -5.09
CA LEU C 179 18.28 16.19 -4.55
C LEU C 179 18.13 17.64 -5.00
N LEU C 180 16.89 18.10 -5.05
CA LEU C 180 16.58 19.46 -5.50
C LEU C 180 15.70 20.18 -4.47
N PRO C 181 16.32 20.96 -3.57
CA PRO C 181 15.60 21.70 -2.52
C PRO C 181 14.80 22.94 -2.96
N LEU C 182 14.92 23.35 -4.22
CA LEU C 182 14.21 24.53 -4.69
C LEU C 182 12.95 24.22 -5.52
N THR C 183 12.61 22.94 -5.63
CA THR C 183 11.45 22.51 -6.39
C THR C 183 10.17 23.25 -5.97
N GLY C 184 9.45 23.75 -6.97
CA GLY C 184 8.20 24.45 -6.71
C GLY C 184 8.31 25.96 -6.61
N LEU C 185 9.53 26.46 -6.43
CA LEU C 185 9.74 27.90 -6.31
C LEU C 185 9.99 28.61 -7.62
N THR C 186 9.41 29.79 -7.78
CA THR C 186 9.65 30.57 -8.97
C THR C 186 10.92 31.36 -8.63
N LYS C 187 11.49 31.99 -9.64
CA LYS C 187 12.70 32.77 -9.43
C LYS C 187 12.37 33.93 -8.49
N ARG C 188 11.17 34.49 -8.65
CA ARG C 188 10.74 35.60 -7.82
C ARG C 188 10.63 35.22 -6.34
N GLN C 189 10.05 34.05 -6.07
CA GLN C 189 9.90 33.60 -4.70
C GLN C 189 11.29 33.25 -4.15
N GLY C 190 12.22 32.97 -5.06
CA GLY C 190 13.57 32.67 -4.65
C GLY C 190 14.18 33.90 -4.02
N ARG C 191 13.96 35.06 -4.63
CA ARG C 191 14.48 36.31 -4.10
C ARG C 191 13.85 36.62 -2.76
N ALA C 192 12.60 36.20 -2.58
CA ALA C 192 11.90 36.44 -1.32
C ALA C 192 12.59 35.66 -0.20
N LEU C 193 13.05 34.45 -0.53
CA LEU C 193 13.75 33.62 0.44
C LEU C 193 15.11 34.24 0.79
N LEU C 194 15.82 34.69 -0.24
CA LEU C 194 17.14 35.30 -0.04
C LEU C 194 17.07 36.57 0.80
N GLN C 195 16.06 37.39 0.55
CA GLN C 195 15.89 38.62 1.31
C GLN C 195 15.62 38.27 2.77
N GLU C 196 14.81 37.24 2.98
CA GLU C 196 14.48 36.78 4.33
C GLU C 196 15.72 36.24 5.03
N LEU C 197 16.64 35.67 4.25
CA LEU C 197 17.87 35.09 4.78
C LEU C 197 18.95 36.15 5.03
N GLY C 198 18.64 37.40 4.70
CA GLY C 198 19.59 38.49 4.91
C GLY C 198 20.64 38.66 3.83
N ALA C 199 20.50 37.94 2.72
CA ALA C 199 21.45 38.04 1.63
C ALA C 199 21.63 39.47 1.12
N ASP C 200 22.83 39.74 0.60
CA ASP C 200 23.15 41.06 0.06
C ASP C 200 22.29 41.27 -1.19
N GLU C 201 21.56 42.38 -1.22
CA GLU C 201 20.67 42.70 -2.33
C GLU C 201 21.28 42.53 -3.72
N ARG C 202 22.60 42.55 -3.81
CA ARG C 202 23.26 42.38 -5.10
C ARG C 202 23.17 40.94 -5.59
N LEU C 203 22.79 40.04 -4.69
CA LEU C 203 22.67 38.62 -5.03
C LEU C 203 21.32 38.27 -5.64
N TYR C 204 20.47 39.27 -5.84
CA TYR C 204 19.16 39.04 -6.44
C TYR C 204 18.58 40.30 -7.08
N LEU C 205 19.45 41.09 -7.69
CA LEU C 205 19.06 42.33 -8.36
C LEU C 205 20.08 42.72 -9.43
N ILE C 227 9.37 35.66 -23.74
CA ILE C 227 8.78 36.21 -22.52
C ILE C 227 9.85 36.44 -21.46
N THR C 228 9.51 37.21 -20.44
CA THR C 228 10.43 37.52 -19.35
C THR C 228 10.11 36.72 -18.10
N TYR C 229 11.01 36.76 -17.12
CA TYR C 229 10.78 36.05 -15.87
C TYR C 229 9.58 36.62 -15.13
N ASP C 230 9.40 37.94 -15.19
CA ASP C 230 8.27 38.56 -14.52
C ASP C 230 6.97 38.04 -15.12
N GLN C 231 6.92 38.00 -16.45
CA GLN C 231 5.73 37.51 -17.13
C GLN C 231 5.48 36.05 -16.77
N LEU C 232 6.48 35.21 -16.98
CA LEU C 232 6.36 33.79 -16.68
C LEU C 232 6.05 33.54 -15.21
N ASP C 233 6.72 34.24 -14.30
CA ASP C 233 6.46 34.04 -12.88
C ASP C 233 5.06 34.51 -12.48
N ASP C 234 4.55 35.53 -13.17
CA ASP C 234 3.20 36.01 -12.90
C ASP C 234 2.28 34.85 -13.23
N TYR C 235 2.45 34.33 -14.45
CA TYR C 235 1.63 33.21 -14.93
C TYR C 235 1.68 32.01 -13.99
N LEU C 236 2.90 31.61 -13.59
CA LEU C 236 3.06 30.46 -12.71
C LEU C 236 2.51 30.71 -11.30
N GLU C 237 2.47 31.97 -10.90
CA GLU C 237 1.97 32.32 -9.57
C GLU C 237 0.46 32.56 -9.54
N GLY C 238 -0.19 32.34 -10.67
CA GLY C 238 -1.64 32.51 -10.75
C GLY C 238 -2.13 33.90 -11.05
N LYS C 239 -1.22 34.83 -11.30
CA LYS C 239 -1.60 36.21 -11.61
C LYS C 239 -2.11 36.30 -13.05
N THR C 240 -2.76 37.42 -13.36
CA THR C 240 -3.29 37.63 -14.70
C THR C 240 -2.21 38.22 -15.59
N VAL C 241 -2.10 37.70 -16.80
CA VAL C 241 -1.11 38.19 -17.76
C VAL C 241 -1.80 38.40 -19.10
N PRO C 242 -1.14 39.10 -20.04
CA PRO C 242 -1.74 39.34 -21.35
C PRO C 242 -2.07 38.02 -22.05
N ALA C 243 -3.06 38.06 -22.95
CA ALA C 243 -3.49 36.87 -23.68
C ALA C 243 -2.36 36.24 -24.50
N ASP C 244 -1.65 37.05 -25.27
CA ASP C 244 -0.56 36.56 -26.10
C ASP C 244 0.56 35.96 -25.25
N VAL C 245 0.73 36.49 -24.05
CA VAL C 245 1.75 35.98 -23.14
C VAL C 245 1.33 34.59 -22.71
N ALA C 246 0.08 34.48 -22.26
CA ALA C 246 -0.46 33.20 -21.82
C ALA C 246 -0.44 32.20 -22.97
N GLU C 247 -0.81 32.66 -24.16
CA GLU C 247 -0.84 31.78 -25.32
C GLU C 247 0.55 31.22 -25.61
N LYS C 248 1.54 32.10 -25.60
CA LYS C 248 2.92 31.75 -25.86
C LYS C 248 3.45 30.71 -24.86
N ILE C 249 3.07 30.88 -23.60
CA ILE C 249 3.49 29.97 -22.55
C ILE C 249 2.80 28.62 -22.64
N GLU C 250 1.49 28.65 -22.84
CA GLU C 250 0.69 27.44 -22.91
C GLU C 250 0.93 26.57 -24.14
N LYS C 251 1.20 27.19 -25.28
CA LYS C 251 1.45 26.39 -26.47
C LYS C 251 2.83 25.75 -26.34
N ARG C 252 3.67 26.38 -25.52
CA ARG C 252 5.01 25.88 -25.27
C ARG C 252 4.87 24.64 -24.39
N TYR C 253 4.06 24.76 -23.34
CA TYR C 253 3.81 23.66 -22.41
C TYR C 253 3.04 22.52 -23.09
N THR C 254 2.14 22.89 -24.00
CA THR C 254 1.33 21.91 -24.72
C THR C 254 2.22 20.93 -25.47
N VAL C 255 3.21 21.45 -26.18
CA VAL C 255 4.14 20.61 -26.93
C VAL C 255 4.75 19.57 -25.98
N SER C 256 4.63 19.83 -24.69
CA SER C 256 5.15 18.95 -23.64
C SER C 256 6.65 19.12 -23.47
N MET C 266 10.60 13.57 -18.26
CA MET C 266 10.74 14.95 -17.78
C MET C 266 10.58 15.95 -18.92
N PHE C 267 9.82 17.01 -18.65
CA PHE C 267 9.57 18.04 -19.64
C PHE C 267 10.83 18.88 -19.91
N ASP C 268 11.58 19.18 -18.85
CA ASP C 268 12.80 19.96 -18.98
C ASP C 268 13.79 19.24 -19.87
N ASP C 269 13.89 17.91 -19.73
CA ASP C 269 14.81 17.13 -20.55
C ASP C 269 14.43 17.20 -22.02
N TRP C 270 13.15 17.33 -22.31
CA TRP C 270 12.72 17.43 -23.70
C TRP C 270 13.28 18.72 -24.30
N TRP C 271 13.16 19.82 -23.57
CA TRP C 271 13.65 21.10 -24.06
C TRP C 271 15.16 21.15 -24.17
N LYS C 272 15.87 20.41 -23.33
CA LYS C 272 17.32 20.38 -23.39
C LYS C 272 17.72 19.73 -24.72
N LEU C 273 17.06 18.63 -25.05
CA LEU C 273 17.33 17.93 -26.29
C LEU C 273 16.91 18.81 -27.47
N ALA C 274 15.72 19.40 -27.36
CA ALA C 274 15.19 20.28 -28.42
C ALA C 274 16.14 21.43 -28.71
N ALA C 275 16.72 21.98 -27.65
CA ALA C 275 17.66 23.09 -27.79
C ALA C 275 18.90 22.62 -28.54
N ALA C 276 19.38 21.42 -28.20
CA ALA C 276 20.55 20.86 -28.85
C ALA C 276 20.31 20.65 -30.35
N LEU C 277 19.16 20.07 -30.69
CA LEU C 277 18.79 19.82 -32.08
C LEU C 277 18.66 21.13 -32.87
N GLU C 278 17.93 22.08 -32.29
CA GLU C 278 17.69 23.38 -32.89
C GLU C 278 19.00 24.11 -33.22
N HIS C 279 19.88 24.19 -32.24
CA HIS C 279 21.17 24.86 -32.43
C HIS C 279 22.00 24.17 -33.49
N HIS C 280 21.92 22.84 -33.54
CA HIS C 280 22.68 22.07 -34.53
C HIS C 280 22.09 22.30 -35.92
N HIS C 281 20.76 22.36 -36.00
CA HIS C 281 20.09 22.56 -37.28
C HIS C 281 20.40 23.94 -37.85
N HIS C 282 20.51 24.94 -36.97
CA HIS C 282 20.82 26.29 -37.41
C HIS C 282 22.33 26.49 -37.48
N HIS C 283 23.03 25.48 -37.99
CA HIS C 283 24.48 25.57 -38.10
C HIS C 283 24.97 25.08 -39.46
N MET D 1 -1.14 -11.43 -5.88
CA MET D 1 0.15 -11.34 -6.62
C MET D 1 1.32 -11.49 -5.67
N THR D 2 2.21 -12.42 -5.99
CA THR D 2 3.38 -12.66 -5.16
C THR D 2 4.35 -11.49 -5.35
N LEU D 3 5.37 -11.41 -4.50
CA LEU D 3 6.36 -10.35 -4.61
C LEU D 3 7.14 -10.54 -5.91
N GLN D 4 7.44 -11.80 -6.23
CA GLN D 4 8.15 -12.12 -7.47
C GLN D 4 7.40 -11.55 -8.66
N GLU D 5 6.10 -11.83 -8.76
CA GLU D 5 5.30 -11.32 -9.86
C GLU D 5 5.29 -9.80 -9.88
N GLN D 6 5.22 -9.20 -8.70
CA GLN D 6 5.21 -7.74 -8.58
C GLN D 6 6.50 -7.17 -9.15
N ILE D 7 7.62 -7.80 -8.81
CA ILE D 7 8.92 -7.35 -9.29
C ILE D 7 9.00 -7.49 -10.81
N MET D 8 8.57 -8.64 -11.33
CA MET D 8 8.59 -8.86 -12.76
C MET D 8 7.79 -7.80 -13.50
N LYS D 9 6.62 -7.46 -12.96
CA LYS D 9 5.75 -6.47 -13.56
C LYS D 9 6.34 -5.07 -13.51
N ALA D 10 6.97 -4.73 -12.39
CA ALA D 10 7.57 -3.41 -12.23
C ALA D 10 8.77 -3.21 -13.16
N LEU D 11 9.48 -4.30 -13.47
CA LEU D 11 10.66 -4.25 -14.35
C LEU D 11 10.32 -4.62 -15.79
N HIS D 12 9.05 -4.90 -16.05
CA HIS D 12 8.58 -5.28 -17.38
C HIS D 12 9.25 -6.53 -17.96
N VAL D 13 9.64 -7.45 -17.09
CA VAL D 13 10.28 -8.67 -17.53
C VAL D 13 9.23 -9.74 -17.85
N GLN D 14 9.27 -10.27 -19.07
CA GLN D 14 8.32 -11.32 -19.44
C GLN D 14 8.98 -12.68 -19.22
N PRO D 15 8.19 -13.67 -18.76
CA PRO D 15 8.75 -15.00 -18.51
C PRO D 15 9.21 -15.68 -19.80
N VAL D 16 8.56 -15.34 -20.90
CA VAL D 16 8.92 -15.92 -22.20
C VAL D 16 8.86 -14.84 -23.28
N ILE D 17 9.87 -14.84 -24.14
CA ILE D 17 9.94 -13.86 -25.22
C ILE D 17 10.12 -14.53 -26.57
N ASP D 18 9.80 -13.79 -27.62
CA ASP D 18 9.96 -14.23 -28.99
C ASP D 18 11.08 -13.35 -29.54
N PRO D 19 12.32 -13.86 -29.55
CA PRO D 19 13.45 -13.08 -30.04
C PRO D 19 13.15 -12.19 -31.25
N LYS D 20 12.66 -12.80 -32.33
CA LYS D 20 12.33 -12.04 -33.53
C LYS D 20 11.36 -10.91 -33.23
N ALA D 21 10.33 -11.22 -32.45
CA ALA D 21 9.33 -10.22 -32.10
C ALA D 21 9.94 -9.09 -31.26
N GLU D 22 10.78 -9.45 -30.29
CA GLU D 22 11.43 -8.46 -29.45
C GLU D 22 12.26 -7.51 -30.30
N ILE D 23 13.05 -8.08 -31.21
CA ILE D 23 13.91 -7.28 -32.09
C ILE D 23 13.05 -6.29 -32.85
N ARG D 24 11.96 -6.78 -33.43
CA ARG D 24 11.04 -5.94 -34.19
C ARG D 24 10.48 -4.79 -33.36
N LYS D 25 10.02 -5.11 -32.15
CA LYS D 25 9.44 -4.08 -31.29
C LYS D 25 10.47 -3.02 -30.88
N ARG D 26 11.66 -3.46 -30.50
CA ARG D 26 12.69 -2.53 -30.07
C ARG D 26 13.28 -1.69 -31.19
N VAL D 27 13.27 -2.21 -32.41
CA VAL D 27 13.75 -1.45 -33.54
C VAL D 27 12.72 -0.35 -33.79
N ASP D 28 11.44 -0.72 -33.72
CA ASP D 28 10.36 0.26 -33.94
C ASP D 28 10.41 1.33 -32.86
N PHE D 29 10.79 0.91 -31.65
CA PHE D 29 10.90 1.83 -30.53
C PHE D 29 11.92 2.91 -30.91
N LEU D 30 13.09 2.45 -31.35
CA LEU D 30 14.15 3.36 -31.77
C LEU D 30 13.71 4.26 -32.90
N LYS D 31 13.11 3.66 -33.92
CA LYS D 31 12.62 4.41 -35.08
C LYS D 31 11.61 5.47 -34.68
N ASP D 32 10.65 5.10 -33.84
CA ASP D 32 9.62 6.06 -33.42
C ASP D 32 10.18 7.25 -32.66
N TYR D 33 11.20 7.02 -31.86
CA TYR D 33 11.78 8.11 -31.07
C TYR D 33 12.47 9.14 -31.96
N VAL D 34 13.19 8.66 -32.96
CA VAL D 34 13.88 9.55 -33.90
C VAL D 34 12.85 10.42 -34.59
N LYS D 35 11.77 9.79 -35.04
CA LYS D 35 10.71 10.50 -35.72
C LYS D 35 10.05 11.52 -34.80
N LYS D 36 9.73 11.10 -33.58
CA LYS D 36 9.09 11.99 -32.62
C LYS D 36 9.94 13.18 -32.20
N THR D 37 11.25 12.98 -32.08
CA THR D 37 12.14 14.08 -31.66
C THR D 37 12.66 14.93 -32.81
N GLY D 38 12.72 14.34 -33.99
CA GLY D 38 13.22 15.07 -35.14
C GLY D 38 14.74 14.97 -35.20
N ALA D 39 15.31 14.01 -34.46
CA ALA D 39 16.75 13.80 -34.43
C ALA D 39 17.23 13.22 -35.75
N LYS D 40 18.55 13.15 -35.93
CA LYS D 40 19.14 12.64 -37.17
C LYS D 40 19.64 11.22 -37.03
N GLY D 41 19.43 10.62 -35.88
CA GLY D 41 19.90 9.26 -35.68
C GLY D 41 20.36 9.00 -34.26
N PHE D 42 21.30 8.07 -34.09
CA PHE D 42 21.79 7.71 -32.75
C PHE D 42 23.31 7.64 -32.62
N VAL D 43 23.77 7.69 -31.38
CA VAL D 43 25.19 7.54 -31.06
C VAL D 43 25.23 6.64 -29.83
N LEU D 44 26.20 5.72 -29.78
CA LEU D 44 26.32 4.80 -28.67
C LEU D 44 27.76 4.39 -28.45
N GLY D 45 28.16 4.31 -27.18
CA GLY D 45 29.51 3.89 -26.86
C GLY D 45 29.54 2.37 -26.94
N ILE D 46 30.53 1.83 -27.64
CA ILE D 46 30.67 0.39 -27.81
C ILE D 46 31.84 -0.07 -26.96
N SER D 47 31.54 -0.83 -25.92
CA SER D 47 32.55 -1.30 -24.99
C SER D 47 32.94 -2.75 -25.16
N GLY D 48 32.18 -3.49 -25.94
CA GLY D 48 32.45 -4.90 -26.11
C GLY D 48 31.53 -5.67 -25.19
N GLY D 49 30.78 -4.93 -24.36
CA GLY D 49 29.85 -5.54 -23.45
C GLY D 49 28.59 -5.96 -24.20
N GLN D 50 27.94 -7.02 -23.72
CA GLN D 50 26.74 -7.54 -24.36
C GLN D 50 25.66 -6.50 -24.60
N ASP D 51 25.39 -5.66 -23.61
CA ASP D 51 24.36 -4.63 -23.75
C ASP D 51 24.60 -3.64 -24.88
N SER D 52 25.80 -3.06 -24.94
CA SER D 52 26.07 -2.11 -26.00
C SER D 52 26.13 -2.81 -27.36
N THR D 53 26.59 -4.07 -27.38
CA THR D 53 26.68 -4.85 -28.62
C THR D 53 25.29 -5.05 -29.22
N LEU D 54 24.32 -5.40 -28.37
CA LEU D 54 22.95 -5.62 -28.79
C LEU D 54 22.27 -4.32 -29.19
N ALA D 55 22.35 -3.32 -28.32
CA ALA D 55 21.73 -2.04 -28.61
C ALA D 55 22.35 -1.42 -29.86
N GLY D 56 23.64 -1.68 -30.07
CA GLY D 56 24.32 -1.11 -31.24
C GLY D 56 23.75 -1.66 -32.53
N ARG D 57 23.59 -2.97 -32.59
CA ARG D 57 23.07 -3.62 -33.80
C ARG D 57 21.62 -3.22 -34.04
N LEU D 58 20.86 -3.01 -32.96
CA LEU D 58 19.48 -2.60 -33.08
C LEU D 58 19.41 -1.22 -33.68
N ALA D 59 20.33 -0.35 -33.27
CA ALA D 59 20.37 1.01 -33.78
C ALA D 59 20.71 1.00 -35.28
N GLN D 60 21.63 0.14 -35.68
CA GLN D 60 22.02 0.07 -37.09
C GLN D 60 20.87 -0.42 -37.95
N LEU D 61 20.16 -1.44 -37.49
CA LEU D 61 19.02 -1.95 -38.23
C LEU D 61 17.97 -0.85 -38.34
N ALA D 62 17.78 -0.12 -37.25
CA ALA D 62 16.81 0.95 -37.22
C ALA D 62 17.09 2.06 -38.23
N VAL D 63 18.33 2.57 -38.29
CA VAL D 63 18.61 3.65 -39.23
C VAL D 63 18.54 3.17 -40.68
N GLU D 64 18.89 1.91 -40.92
CA GLU D 64 18.84 1.37 -42.28
C GLU D 64 17.38 1.30 -42.74
N GLU D 65 16.48 0.90 -41.84
CA GLU D 65 15.07 0.84 -42.20
C GLU D 65 14.54 2.23 -42.47
N ILE D 66 14.94 3.19 -41.67
CA ILE D 66 14.50 4.56 -41.87
C ILE D 66 14.97 5.04 -43.25
N ARG D 67 16.21 4.72 -43.60
CA ARG D 67 16.73 5.13 -44.89
C ARG D 67 16.01 4.39 -46.03
N ASN D 68 15.77 3.09 -45.84
CA ASN D 68 15.09 2.28 -46.85
C ASN D 68 13.67 2.78 -47.11
N GLU D 69 13.09 3.45 -46.12
CA GLU D 69 11.74 3.98 -46.24
C GLU D 69 11.73 5.42 -46.71
N GLY D 70 12.88 5.91 -47.16
CA GLY D 70 12.97 7.27 -47.66
C GLY D 70 13.26 8.36 -46.65
N GLY D 71 13.64 8.00 -45.43
CA GLY D 71 13.94 9.01 -44.43
C GLY D 71 15.44 9.21 -44.28
N ASN D 72 15.84 10.06 -43.34
CA ASN D 72 17.26 10.32 -43.10
C ASN D 72 17.65 9.93 -41.69
N ALA D 73 18.62 9.04 -41.57
CA ALA D 73 19.09 8.59 -40.27
C ALA D 73 20.52 8.08 -40.38
N THR D 74 21.27 8.21 -39.28
CA THR D 74 22.65 7.78 -39.22
C THR D 74 22.96 7.22 -37.85
N PHE D 75 23.84 6.23 -37.81
CA PHE D 75 24.26 5.64 -36.55
C PHE D 75 25.79 5.73 -36.40
N ILE D 76 26.23 6.35 -35.33
CA ILE D 76 27.65 6.50 -35.05
C ILE D 76 28.00 5.69 -33.80
N ALA D 77 28.89 4.72 -33.96
CA ALA D 77 29.35 3.89 -32.86
C ALA D 77 30.71 4.44 -32.44
N VAL D 78 30.91 4.64 -31.14
CA VAL D 78 32.18 5.17 -30.68
C VAL D 78 32.83 4.31 -29.59
N ARG D 79 34.09 3.94 -29.81
CA ARG D 79 34.84 3.17 -28.83
C ARG D 79 35.45 4.20 -27.91
N LEU D 80 35.46 3.93 -26.62
CA LEU D 80 35.97 4.89 -25.64
C LEU D 80 36.97 4.28 -24.66
N PRO D 81 38.10 3.77 -25.16
CA PRO D 81 39.12 3.17 -24.29
C PRO D 81 39.82 4.17 -23.39
N TYR D 82 40.24 3.71 -22.22
CA TYR D 82 40.98 4.56 -21.30
C TYR D 82 42.40 4.06 -21.49
N LYS D 83 43.19 4.81 -22.27
CA LYS D 83 44.57 4.43 -22.60
C LYS D 83 44.55 3.26 -23.58
N VAL D 84 44.02 2.12 -23.14
CA VAL D 84 43.95 0.92 -23.97
C VAL D 84 42.83 0.00 -23.49
N ASP D 89 39.53 -5.73 -27.11
CA ASP D 89 39.41 -6.40 -28.40
C ASP D 89 37.98 -6.87 -28.65
N ASP D 90 37.24 -7.12 -27.58
CA ASP D 90 35.85 -7.55 -27.71
C ASP D 90 35.08 -6.39 -28.32
N ALA D 91 35.59 -5.18 -28.11
CA ALA D 91 34.97 -3.98 -28.66
C ALA D 91 35.09 -4.04 -30.18
N GLN D 92 36.21 -4.58 -30.65
CA GLN D 92 36.45 -4.71 -32.08
C GLN D 92 35.51 -5.76 -32.65
N LEU D 93 35.40 -6.90 -31.97
CA LEU D 93 34.51 -7.96 -32.41
C LEU D 93 33.08 -7.44 -32.45
N ALA D 94 32.75 -6.57 -31.49
CA ALA D 94 31.42 -5.99 -31.41
C ALA D 94 31.17 -5.10 -32.62
N LEU D 95 32.15 -4.25 -32.93
CA LEU D 95 32.04 -3.36 -34.08
C LEU D 95 31.84 -4.13 -35.38
N GLN D 96 32.50 -5.28 -35.53
CA GLN D 96 32.37 -6.09 -36.73
C GLN D 96 30.94 -6.56 -36.91
N PHE D 97 30.32 -6.96 -35.80
CA PHE D 97 28.94 -7.44 -35.81
C PHE D 97 27.96 -6.30 -36.08
N ILE D 98 28.17 -5.18 -35.39
CA ILE D 98 27.30 -4.01 -35.53
C ILE D 98 27.29 -3.40 -36.91
N GLN D 99 28.47 -3.30 -37.53
CA GLN D 99 28.60 -2.72 -38.88
C GLN D 99 27.90 -1.37 -38.97
N ALA D 100 28.30 -0.43 -38.12
CA ALA D 100 27.72 0.90 -38.09
C ALA D 100 28.10 1.79 -39.28
N ASP D 101 27.31 2.83 -39.52
CA ASP D 101 27.60 3.75 -40.62
C ASP D 101 28.95 4.40 -40.36
N GLN D 102 29.17 4.78 -39.10
CA GLN D 102 30.42 5.42 -38.69
C GLN D 102 30.91 4.78 -37.40
N SER D 103 32.20 4.52 -37.35
CA SER D 103 32.84 3.93 -36.19
C SER D 103 34.01 4.86 -35.82
N VAL D 104 33.95 5.43 -34.61
CA VAL D 104 34.97 6.36 -34.14
C VAL D 104 35.74 5.83 -32.93
N ALA D 105 37.04 6.13 -32.88
CA ALA D 105 37.89 5.72 -31.76
C ALA D 105 38.22 7.01 -31.01
N PHE D 106 37.76 7.11 -29.77
CA PHE D 106 37.97 8.30 -28.98
C PHE D 106 38.58 7.95 -27.61
N ASP D 107 39.90 8.08 -27.49
CA ASP D 107 40.57 7.77 -26.23
C ASP D 107 40.23 8.85 -25.18
N ILE D 108 39.70 8.43 -24.03
CA ILE D 108 39.31 9.37 -22.99
C ILE D 108 40.43 9.69 -21.98
N ALA D 109 41.55 9.01 -22.11
CA ALA D 109 42.68 9.19 -21.19
C ALA D 109 43.12 10.62 -20.93
N SER D 110 43.34 11.41 -21.98
CA SER D 110 43.79 12.78 -21.76
C SER D 110 42.77 13.60 -20.96
N THR D 111 41.49 13.34 -21.17
CA THR D 111 40.46 14.08 -20.44
C THR D 111 40.37 13.59 -18.99
N VAL D 112 40.39 12.27 -18.81
CA VAL D 112 40.30 11.71 -17.48
C VAL D 112 41.53 12.06 -16.65
N ASP D 113 42.72 12.00 -17.25
CA ASP D 113 43.94 12.33 -16.52
C ASP D 113 44.04 13.81 -16.20
N ALA D 114 43.52 14.66 -17.07
CA ALA D 114 43.55 16.10 -16.81
C ALA D 114 42.67 16.37 -15.59
N PHE D 115 41.53 15.70 -15.52
CA PHE D 115 40.64 15.90 -14.37
C PHE D 115 41.26 15.35 -13.08
N SER D 116 41.77 14.13 -13.15
CA SER D 116 42.37 13.50 -11.97
C SER D 116 43.55 14.29 -11.46
N ASN D 117 44.39 14.79 -12.37
CA ASN D 117 45.55 15.58 -11.96
C ASN D 117 45.09 16.87 -11.28
N GLN D 118 44.08 17.51 -11.85
CA GLN D 118 43.56 18.74 -11.27
C GLN D 118 42.95 18.43 -9.91
N TYR D 119 42.18 17.36 -9.83
CA TYR D 119 41.54 16.98 -8.58
C TYR D 119 42.59 16.73 -7.50
N GLU D 120 43.59 15.91 -7.81
CA GLU D 120 44.64 15.60 -6.85
C GLU D 120 45.36 16.86 -6.39
N ASN D 121 45.58 17.81 -7.30
CA ASN D 121 46.25 19.06 -6.95
C ASN D 121 45.44 20.06 -6.16
N LEU D 122 44.13 20.14 -6.40
CA LEU D 122 43.31 21.11 -5.69
C LEU D 122 42.68 20.61 -4.40
N LEU D 123 42.37 19.32 -4.33
CA LEU D 123 41.77 18.80 -3.11
C LEU D 123 42.81 18.08 -2.27
N ASP D 124 44.01 17.97 -2.81
CA ASP D 124 45.13 17.33 -2.13
C ASP D 124 44.83 15.92 -1.60
N GLU D 125 44.43 15.04 -2.51
CA GLU D 125 44.14 13.65 -2.18
C GLU D 125 43.97 12.92 -3.51
N SER D 126 44.17 11.62 -3.52
CA SER D 126 44.03 10.85 -4.74
C SER D 126 42.62 10.27 -4.89
N LEU D 127 42.15 10.19 -6.13
CA LEU D 127 40.84 9.63 -6.40
C LEU D 127 40.94 8.13 -6.16
N THR D 128 40.00 7.59 -5.40
CA THR D 128 39.99 6.16 -5.14
C THR D 128 39.58 5.48 -6.44
N ASP D 129 39.80 4.17 -6.54
CA ASP D 129 39.44 3.45 -7.75
C ASP D 129 37.95 3.56 -8.04
N PHE D 130 37.12 3.50 -7.01
CA PHE D 130 35.68 3.56 -7.21
C PHE D 130 35.23 4.90 -7.75
N ASN D 131 35.70 5.97 -7.15
CA ASN D 131 35.31 7.29 -7.60
C ASN D 131 35.87 7.60 -9.00
N LYS D 132 37.02 7.00 -9.32
CA LYS D 132 37.59 7.21 -10.65
C LYS D 132 36.76 6.44 -11.67
N GLY D 133 36.19 5.32 -11.23
CA GLY D 133 35.36 4.53 -12.11
C GLY D 133 34.18 5.37 -12.57
N ASN D 134 33.59 6.13 -11.64
CA ASN D 134 32.48 6.99 -11.97
C ASN D 134 32.92 8.18 -12.82
N VAL D 135 34.14 8.68 -12.58
CA VAL D 135 34.64 9.80 -13.38
C VAL D 135 34.75 9.35 -14.85
N LYS D 136 35.35 8.17 -15.05
CA LYS D 136 35.51 7.63 -16.40
C LYS D 136 34.16 7.41 -17.10
N ALA D 137 33.18 6.88 -16.38
CA ALA D 137 31.86 6.65 -16.96
C ALA D 137 31.22 7.97 -17.37
N ARG D 138 31.38 8.99 -16.52
CA ARG D 138 30.81 10.30 -16.84
C ARG D 138 31.50 10.94 -18.05
N ILE D 139 32.80 10.71 -18.15
CA ILE D 139 33.55 11.26 -19.26
C ILE D 139 33.13 10.55 -20.55
N ARG D 140 32.83 9.26 -20.45
CA ARG D 140 32.39 8.53 -21.63
C ARG D 140 31.05 9.09 -22.10
N MET D 141 30.20 9.51 -21.15
CA MET D 141 28.91 10.10 -21.50
C MET D 141 29.10 11.52 -22.03
N VAL D 142 30.08 12.24 -21.51
CA VAL D 142 30.34 13.59 -22.01
C VAL D 142 30.66 13.48 -23.51
N THR D 143 31.45 12.48 -23.85
CA THR D 143 31.86 12.26 -25.23
C THR D 143 30.69 11.92 -26.14
N GLN D 144 29.82 11.03 -25.66
CA GLN D 144 28.65 10.64 -26.45
C GLN D 144 27.70 11.82 -26.66
N TYR D 145 27.50 12.63 -25.62
CA TYR D 145 26.61 13.79 -25.77
C TYR D 145 27.23 14.89 -26.60
N ALA D 146 28.55 14.95 -26.65
CA ALA D 146 29.20 15.98 -27.46
C ALA D 146 28.99 15.58 -28.93
N ILE D 147 29.26 14.32 -29.25
CA ILE D 147 29.09 13.83 -30.62
C ILE D 147 27.61 13.98 -31.01
N GLY D 148 26.72 13.59 -30.10
CA GLY D 148 25.29 13.69 -30.36
C GLY D 148 24.85 15.12 -30.66
N GLY D 149 25.34 16.06 -29.85
CA GLY D 149 24.98 17.45 -30.04
C GLY D 149 25.56 18.01 -31.33
N GLN D 150 26.75 17.57 -31.69
CA GLN D 150 27.42 18.05 -32.90
C GLN D 150 26.83 17.45 -34.18
N LYS D 151 26.13 16.32 -34.05
CA LYS D 151 25.57 15.63 -35.20
C LYS D 151 24.04 15.50 -35.19
N GLY D 152 23.39 16.09 -34.19
CA GLY D 152 21.93 16.01 -34.09
C GLY D 152 21.43 14.62 -33.78
N LEU D 153 22.21 13.86 -33.01
CA LEU D 153 21.84 12.49 -32.67
C LEU D 153 21.37 12.28 -31.24
N LEU D 154 20.69 11.16 -31.03
CA LEU D 154 20.18 10.76 -29.72
C LEU D 154 21.17 9.80 -29.10
N VAL D 155 21.41 9.95 -27.79
CA VAL D 155 22.32 9.04 -27.11
C VAL D 155 21.53 7.85 -26.59
N ILE D 156 21.95 6.65 -26.98
CA ILE D 156 21.30 5.43 -26.54
C ILE D 156 21.98 4.96 -25.27
N GLY D 157 21.19 4.57 -24.27
CA GLY D 157 21.78 4.12 -23.03
C GLY D 157 21.59 2.65 -22.79
N THR D 158 22.48 2.06 -21.99
CA THR D 158 22.41 0.64 -21.68
C THR D 158 22.37 0.40 -20.17
N ASP D 159 22.19 1.46 -19.39
CA ASP D 159 22.14 1.30 -17.93
C ASP D 159 20.69 1.06 -17.51
N HIS D 160 20.46 0.98 -16.21
CA HIS D 160 19.12 0.73 -15.68
C HIS D 160 18.58 -0.60 -16.17
N ALA D 161 19.46 -1.59 -16.26
CA ALA D 161 19.07 -2.92 -16.69
C ALA D 161 18.22 -3.58 -15.59
N ALA D 162 17.37 -4.52 -15.96
CA ALA D 162 16.51 -5.21 -14.99
C ALA D 162 17.25 -5.64 -13.73
N GLU D 163 18.41 -6.26 -13.90
CA GLU D 163 19.21 -6.72 -12.76
C GLU D 163 19.62 -5.59 -11.83
N ALA D 164 20.05 -4.48 -12.40
CA ALA D 164 20.49 -3.33 -11.61
C ALA D 164 19.35 -2.64 -10.89
N VAL D 165 18.19 -2.56 -11.54
CA VAL D 165 17.03 -1.92 -10.94
C VAL D 165 16.61 -2.71 -9.70
N THR D 166 16.85 -4.01 -9.73
CA THR D 166 16.52 -4.87 -8.60
C THR D 166 17.56 -4.65 -7.50
N GLY D 167 18.73 -4.15 -7.86
CA GLY D 167 19.77 -3.90 -6.88
C GLY D 167 21.06 -4.67 -7.03
N PHE D 168 21.24 -5.35 -8.17
CA PHE D 168 22.46 -6.12 -8.40
C PHE D 168 23.21 -5.68 -9.65
N PHE D 169 24.53 -5.94 -9.64
CA PHE D 169 25.39 -5.61 -10.76
C PHE D 169 25.21 -4.16 -11.19
N THR D 170 25.32 -3.25 -10.22
CA THR D 170 25.19 -1.82 -10.46
C THR D 170 26.36 -1.33 -11.33
N LYS D 171 26.10 -0.40 -12.23
CA LYS D 171 27.13 0.13 -13.11
C LYS D 171 27.64 1.49 -12.69
N PHE D 172 28.86 1.82 -13.13
CA PHE D 172 29.45 3.12 -12.84
C PHE D 172 28.69 4.14 -13.70
N GLY D 173 28.77 5.40 -13.34
CA GLY D 173 28.08 6.43 -14.10
C GLY D 173 26.67 6.72 -13.59
N ASP D 174 26.06 7.79 -14.11
CA ASP D 174 24.71 8.14 -13.68
C ASP D 174 23.59 7.45 -14.47
N GLY D 175 23.96 6.74 -15.54
CA GLY D 175 22.97 6.03 -16.33
C GLY D 175 22.09 6.90 -17.21
N GLY D 176 22.41 8.18 -17.31
CA GLY D 176 21.61 9.07 -18.12
C GLY D 176 21.77 8.80 -19.60
N ALA D 177 20.67 8.91 -20.34
CA ALA D 177 20.69 8.68 -21.79
C ALA D 177 19.38 9.24 -22.35
N ASP D 178 19.28 9.32 -23.67
CA ASP D 178 18.05 9.85 -24.24
C ASP D 178 17.04 8.74 -24.43
N LEU D 179 17.53 7.51 -24.58
CA LEU D 179 16.65 6.39 -24.86
C LEU D 179 17.22 5.05 -24.39
N LEU D 180 16.36 4.18 -23.87
CA LEU D 180 16.78 2.87 -23.38
C LEU D 180 15.99 1.76 -24.11
N PRO D 181 16.57 1.22 -25.20
CA PRO D 181 15.91 0.17 -25.98
C PRO D 181 15.92 -1.26 -25.40
N LEU D 182 16.69 -1.49 -24.35
CA LEU D 182 16.76 -2.83 -23.77
C LEU D 182 15.91 -3.04 -22.51
N THR D 183 15.13 -2.02 -22.15
CA THR D 183 14.28 -2.08 -20.97
C THR D 183 13.39 -3.32 -20.96
N GLY D 184 13.36 -4.02 -19.84
CA GLY D 184 12.52 -5.21 -19.73
C GLY D 184 13.22 -6.52 -20.02
N LEU D 185 14.38 -6.47 -20.66
CA LEU D 185 15.11 -7.69 -20.99
C LEU D 185 16.13 -8.07 -19.92
N THR D 186 16.22 -9.37 -19.64
CA THR D 186 17.21 -9.85 -18.69
C THR D 186 18.48 -10.04 -19.52
N LYS D 187 19.61 -10.21 -18.85
CA LYS D 187 20.88 -10.40 -19.56
C LYS D 187 20.77 -11.64 -20.45
N ARG D 188 20.17 -12.70 -19.90
CA ARG D 188 19.99 -13.95 -20.63
C ARG D 188 19.14 -13.76 -21.89
N GLN D 189 18.05 -13.02 -21.79
CA GLN D 189 17.21 -12.80 -22.94
C GLN D 189 17.97 -11.99 -23.97
N GLY D 190 18.93 -11.19 -23.50
CA GLY D 190 19.74 -10.41 -24.41
C GLY D 190 20.54 -11.32 -25.31
N ARG D 191 21.09 -12.39 -24.75
CA ARG D 191 21.87 -13.35 -25.53
C ARG D 191 20.99 -13.99 -26.58
N ALA D 192 19.71 -14.14 -26.24
CA ALA D 192 18.74 -14.74 -27.16
C ALA D 192 18.55 -13.83 -28.38
N LEU D 193 18.44 -12.52 -28.15
CA LEU D 193 18.28 -11.60 -29.26
C LEU D 193 19.55 -11.62 -30.10
N LEU D 194 20.69 -11.62 -29.42
CA LEU D 194 21.98 -11.64 -30.09
C LEU D 194 22.15 -12.88 -30.98
N GLN D 195 21.74 -14.04 -30.48
CA GLN D 195 21.86 -15.25 -31.28
C GLN D 195 20.94 -15.12 -32.49
N GLU D 196 19.73 -14.63 -32.25
CA GLU D 196 18.77 -14.45 -33.32
C GLU D 196 19.28 -13.45 -34.34
N LEU D 197 20.17 -12.55 -33.92
CA LEU D 197 20.74 -11.55 -34.81
C LEU D 197 21.98 -12.08 -35.52
N GLY D 198 22.34 -13.32 -35.21
CA GLY D 198 23.49 -13.94 -35.84
C GLY D 198 24.85 -13.47 -35.36
N ALA D 199 24.87 -12.82 -34.19
CA ALA D 199 26.12 -12.32 -33.64
C ALA D 199 27.12 -13.44 -33.38
N ASP D 200 28.40 -13.09 -33.33
CA ASP D 200 29.46 -14.05 -33.07
C ASP D 200 29.27 -14.63 -31.68
N GLU D 201 29.46 -15.94 -31.55
CA GLU D 201 29.32 -16.62 -30.27
C GLU D 201 30.05 -15.91 -29.13
N ARG D 202 31.31 -15.57 -29.36
CA ARG D 202 32.12 -14.90 -28.36
C ARG D 202 31.55 -13.58 -27.84
N LEU D 203 30.52 -13.05 -28.51
CA LEU D 203 29.92 -11.80 -28.09
C LEU D 203 28.91 -11.94 -26.96
N TYR D 204 28.54 -13.18 -26.62
CA TYR D 204 27.58 -13.41 -25.55
C TYR D 204 27.91 -14.64 -24.71
N LEU D 205 29.21 -14.90 -24.53
CA LEU D 205 29.67 -16.04 -23.75
C LEU D 205 31.04 -15.78 -23.16
N ILE D 227 24.93 -13.85 -5.32
CA ILE D 227 23.94 -14.02 -6.37
C ILE D 227 24.58 -13.88 -7.75
N THR D 228 24.31 -14.85 -8.61
CA THR D 228 24.85 -14.86 -9.96
C THR D 228 23.78 -14.41 -10.96
N TYR D 229 24.21 -14.08 -12.17
CA TYR D 229 23.27 -13.65 -13.21
C TYR D 229 22.24 -14.73 -13.54
N ASP D 230 22.68 -15.98 -13.53
CA ASP D 230 21.80 -17.10 -13.83
C ASP D 230 20.69 -17.23 -12.79
N GLN D 231 21.05 -17.08 -11.52
CA GLN D 231 20.07 -17.20 -10.45
C GLN D 231 19.09 -16.02 -10.50
N LEU D 232 19.63 -14.80 -10.58
CA LEU D 232 18.82 -13.61 -10.63
C LEU D 232 17.91 -13.63 -11.85
N ASP D 233 18.46 -14.03 -13.00
CA ASP D 233 17.66 -14.10 -14.20
C ASP D 233 16.58 -15.17 -14.12
N ASP D 234 16.85 -16.26 -13.40
CA ASP D 234 15.83 -17.29 -13.25
C ASP D 234 14.67 -16.66 -12.48
N TYR D 235 15.01 -15.95 -11.40
CA TYR D 235 14.01 -15.29 -10.56
C TYR D 235 13.17 -14.26 -11.33
N LEU D 236 13.86 -13.37 -12.06
CA LEU D 236 13.18 -12.35 -12.84
C LEU D 236 12.34 -12.92 -13.97
N GLU D 237 12.68 -14.13 -14.40
CA GLU D 237 11.94 -14.79 -15.47
C GLU D 237 10.81 -15.66 -14.92
N GLY D 238 10.49 -15.47 -13.64
CA GLY D 238 9.42 -16.22 -13.01
C GLY D 238 9.70 -17.69 -12.71
N LYS D 239 10.97 -18.07 -12.75
CA LYS D 239 11.34 -19.46 -12.47
C LYS D 239 11.54 -19.65 -10.98
N THR D 240 11.59 -20.91 -10.55
CA THR D 240 11.78 -21.22 -9.14
C THR D 240 13.27 -21.34 -8.83
N VAL D 241 13.71 -20.68 -7.77
CA VAL D 241 15.11 -20.73 -7.37
C VAL D 241 15.15 -21.12 -5.90
N PRO D 242 16.32 -21.52 -5.38
CA PRO D 242 16.38 -21.90 -3.97
C PRO D 242 15.85 -20.78 -3.06
N ALA D 243 15.22 -21.18 -1.97
CA ALA D 243 14.66 -20.23 -1.02
C ALA D 243 15.62 -19.14 -0.57
N ASP D 244 16.84 -19.53 -0.19
CA ASP D 244 17.84 -18.57 0.28
C ASP D 244 18.17 -17.51 -0.78
N VAL D 245 18.21 -17.93 -2.03
CA VAL D 245 18.51 -17.02 -3.13
C VAL D 245 17.37 -16.02 -3.31
N ALA D 246 16.16 -16.54 -3.39
CA ALA D 246 14.98 -15.70 -3.57
C ALA D 246 14.87 -14.69 -2.43
N GLU D 247 15.25 -15.12 -1.22
CA GLU D 247 15.18 -14.26 -0.06
C GLU D 247 16.14 -13.07 -0.17
N LYS D 248 17.36 -13.31 -0.65
CA LYS D 248 18.33 -12.24 -0.80
C LYS D 248 17.82 -11.23 -1.80
N ILE D 249 17.29 -11.74 -2.91
CA ILE D 249 16.78 -10.88 -3.96
C ILE D 249 15.58 -10.04 -3.49
N GLU D 250 14.61 -10.68 -2.84
CA GLU D 250 13.44 -9.96 -2.38
C GLU D 250 13.79 -8.92 -1.32
N LYS D 251 14.70 -9.26 -0.41
CA LYS D 251 15.10 -8.32 0.63
C LYS D 251 15.77 -7.11 -0.02
N ARG D 252 16.62 -7.39 -1.01
CA ARG D 252 17.33 -6.32 -1.71
C ARG D 252 16.32 -5.40 -2.40
N TYR D 253 15.37 -5.99 -3.11
CA TYR D 253 14.34 -5.22 -3.81
C TYR D 253 13.54 -4.36 -2.85
N THR D 254 13.26 -4.91 -1.67
CA THR D 254 12.49 -4.21 -0.65
C THR D 254 13.16 -2.93 -0.15
N VAL D 255 14.48 -2.95 -0.02
CA VAL D 255 15.21 -1.79 0.46
C VAL D 255 14.94 -0.53 -0.37
N SER D 256 15.21 -0.61 -1.67
CA SER D 256 15.00 0.53 -2.55
C SER D 256 13.57 1.08 -2.46
N ALA D 264 11.22 2.84 -11.22
CA ALA D 264 12.06 1.99 -12.07
C ALA D 264 13.52 2.39 -11.94
N SER D 265 13.92 3.41 -12.69
CA SER D 265 15.30 3.90 -12.65
C SER D 265 15.66 4.43 -11.27
N MET D 266 14.69 5.04 -10.60
CA MET D 266 14.90 5.58 -9.26
C MET D 266 15.55 4.52 -8.37
N PHE D 267 15.12 3.27 -8.54
CA PHE D 267 15.67 2.17 -7.78
C PHE D 267 17.17 2.08 -8.00
N ASP D 268 17.55 2.00 -9.28
CA ASP D 268 18.95 1.90 -9.65
C ASP D 268 19.78 3.06 -9.09
N ASP D 269 19.24 4.28 -9.19
CA ASP D 269 19.96 5.44 -8.70
C ASP D 269 20.24 5.36 -7.20
N TRP D 270 19.39 4.68 -6.45
CA TRP D 270 19.60 4.54 -5.01
C TRP D 270 20.81 3.64 -4.75
N TRP D 271 20.94 2.57 -5.53
CA TRP D 271 22.07 1.66 -5.38
C TRP D 271 23.39 2.30 -5.84
N LYS D 272 23.32 3.20 -6.80
CA LYS D 272 24.51 3.88 -7.27
C LYS D 272 25.06 4.73 -6.12
N LEU D 273 24.17 5.49 -5.47
CA LEU D 273 24.56 6.32 -4.34
C LEU D 273 25.04 5.46 -3.17
N ALA D 274 24.30 4.39 -2.88
CA ALA D 274 24.66 3.51 -1.78
C ALA D 274 26.05 2.92 -2.00
N ALA D 275 26.37 2.57 -3.24
CA ALA D 275 27.67 2.02 -3.56
C ALA D 275 28.77 3.05 -3.32
N ALA D 276 28.52 4.29 -3.72
CA ALA D 276 29.50 5.35 -3.55
C ALA D 276 29.76 5.60 -2.05
N LEU D 277 28.69 5.58 -1.26
CA LEU D 277 28.82 5.81 0.18
C LEU D 277 29.55 4.66 0.86
N GLU D 278 29.22 3.43 0.49
CA GLU D 278 29.87 2.25 1.09
C GLU D 278 31.38 2.23 0.83
N HIS D 279 31.77 2.35 -0.44
CA HIS D 279 33.19 2.35 -0.78
C HIS D 279 33.93 3.47 -0.05
N HIS D 280 33.28 4.62 0.11
CA HIS D 280 33.89 5.73 0.82
C HIS D 280 34.10 5.35 2.28
N HIS D 281 33.06 4.78 2.88
CA HIS D 281 33.14 4.36 4.28
C HIS D 281 34.28 3.38 4.47
N HIS D 282 34.22 2.26 3.75
CA HIS D 282 35.24 1.23 3.82
C HIS D 282 36.52 1.63 3.12
S SO4 E . -8.63 -9.47 30.59
O1 SO4 E . -8.91 -10.01 31.93
O2 SO4 E . -7.31 -9.94 30.13
O3 SO4 E . -9.67 -9.92 29.65
O4 SO4 E . -8.63 -8.00 30.66
S SO4 F . -6.89 -5.38 19.79
O1 SO4 F . -7.03 -5.75 21.21
O2 SO4 F . -6.35 -6.52 19.03
O3 SO4 F . -8.23 -5.04 19.27
O4 SO4 F . -5.99 -4.23 19.66
S SO4 G . -9.02 -24.24 30.12
O1 SO4 G . -8.74 -24.86 31.43
O2 SO4 G . -7.89 -24.46 29.20
O3 SO4 G . -10.24 -24.83 29.54
O4 SO4 G . -9.19 -22.78 30.33
S SO4 H . -37.72 -9.83 27.49
O1 SO4 H . -37.70 -11.12 28.19
O2 SO4 H . -36.47 -9.66 26.71
O3 SO4 H . -38.88 -9.80 26.57
O4 SO4 H . -37.83 -8.74 28.49
S SO4 I . -37.22 -17.50 18.71
O1 SO4 I . -38.07 -18.70 18.86
O2 SO4 I . -35.81 -17.90 18.55
O3 SO4 I . -37.66 -16.72 17.54
O4 SO4 I . -37.33 -16.66 19.92
S SO4 J . -36.63 3.77 21.63
O1 SO4 J . -36.38 2.57 22.46
O2 SO4 J . -35.36 4.30 21.10
O3 SO4 J . -37.51 3.43 20.50
O4 SO4 J . -37.29 4.79 22.48
S SO4 K . 31.30 29.63 -18.54
O1 SO4 K . 30.67 28.30 -18.61
O2 SO4 K . 32.39 29.73 -19.53
O3 SO4 K . 30.29 30.67 -18.83
O4 SO4 K . 31.85 29.85 -17.20
S SO4 L . 22.97 28.44 -10.68
O1 SO4 L . 23.04 27.06 -10.17
O2 SO4 L . 24.12 28.67 -11.59
O3 SO4 L . 21.72 28.62 -11.43
O4 SO4 L . 23.02 29.40 -9.56
S SO4 M . 25.69 27.30 -32.02
O1 SO4 M . 26.50 27.38 -30.78
O2 SO4 M . 26.48 27.90 -33.12
O3 SO4 M . 25.37 25.90 -32.34
O4 SO4 M . 24.44 28.06 -31.83
S SO4 N . 38.10 1.11 -18.08
O1 SO4 N . 37.88 -0.28 -17.64
O2 SO4 N . 38.18 1.13 -19.56
O3 SO4 N . 36.97 1.95 -17.63
O4 SO4 N . 39.36 1.61 -17.51
S SO4 O . 27.88 -2.02 -21.93
O1 SO4 O . 27.13 -2.59 -20.79
O2 SO4 O . 27.79 -2.97 -23.07
O3 SO4 O . 27.28 -0.73 -22.31
O4 SO4 O . 29.28 -1.84 -21.55
S SO4 P . 37.68 2.07 -3.18
O1 SO4 P . 36.92 0.83 -2.92
O2 SO4 P . 37.87 2.25 -4.62
O3 SO4 P . 36.94 3.22 -2.62
O4 SO4 P . 39.01 1.97 -2.53
#